data_1NQL
#
_entry.id   1NQL
#
_cell.length_a   119.170
_cell.length_b   103.660
_cell.length_c   101.490
_cell.angle_alpha   90.00
_cell.angle_beta   119.27
_cell.angle_gamma   90.00
#
_symmetry.space_group_name_H-M   'C 1 2 1'
#
loop_
_entity.id
_entity.type
_entity.pdbx_description
1 polymer 'epidermal growth factor receptor'
2 polymer 'epidermal growth factor'
3 branched beta-D-mannopyranose-(1-4)-2-acetamido-2-deoxy-beta-D-glucopyranose-(1-4)-2-acetamido-2-deoxy-beta-D-glucopyranose
4 branched 2-acetamido-2-deoxy-beta-D-glucopyranose-(1-4)-2-acetamido-2-deoxy-beta-D-glucopyranose
5 non-polymer 2-acetamido-2-deoxy-beta-D-glucopyranose
#
loop_
_entity_poly.entity_id
_entity_poly.type
_entity_poly.pdbx_seq_one_letter_code
_entity_poly.pdbx_strand_id
1 'polypeptide(L)'
;LEEKKVCQGTSNKLTQLGTFEDHFLSLQRMFNNCEVVLGNLEITYVQRNYDLSFLKTIQEVAGYVLIALNTVERIPLENL
QIIRGNMYYENSYALAVLSNYDANKTGLKELPMRNLQEILHGAVRFSNNPALCNVESIQWRDIVSSDFLSNMSMDFQNHL
GSCQKCDPSCPNGSCWGAGEENCQKLTKIICAQQCSGRCRGKSPSDCCHNQCAAGCTGPRESDCLVCRKFRDEATCKDTC
PPLMLYNPTTYQMDVNPEGKYSFGATCVKKCPRNYVVTDHGSCVRACGADSYEMEEDGVRKCKKCEGPCRKVCNGIGIGE
FKDSLSINATNIKHFKNCTSISGDLHILPVAFRGDSFTHTPPLDPQELDILKTVKEITGFLLIQAWPENRTDLHAFENLE
IIRGRTKQHGQFSLAVVSLNITSLGLRSLKEISDGDVIISGNKNLCYANTINWKKLFGTSGQKTKIISNRGENSCKATGQ
VCHALCSPEGCWGPEPRDCVSCRNVSRGRECVDKCKLLEGEPREFVENSECIQCHPECLPQAMNITCTGRGPDNCIQCAH
YIDGPHCVKTCPAGVMGENNTLVWKYADAGHVCHLCHPNCTYGCTGPGLEGCPTNGPKHHHHHH
;
A
2 'polypeptide(L)' NSDSECPLSHDGYCLHDGVCMYIEALDKYACNCVVGYIGERCQYRDLKWWELR B
#
loop_
_chem_comp.id
_chem_comp.type
_chem_comp.name
_chem_comp.formula
BMA D-saccharide, beta linking beta-D-mannopyranose 'C6 H12 O6'
NAG D-saccharide, beta linking 2-acetamido-2-deoxy-beta-D-glucopyranose 'C8 H15 N O6'
#
# COMPACT_ATOMS: atom_id res chain seq x y z
N GLU A 3 20.72 -18.23 13.78
CA GLU A 3 20.11 -17.45 12.68
C GLU A 3 21.29 -16.78 11.89
N LYS A 4 20.92 -16.02 10.85
CA LYS A 4 21.80 -15.33 9.92
C LYS A 4 21.40 -15.65 8.51
N LYS A 5 21.89 -15.52 8.40
CA LYS A 5 21.90 -15.47 6.93
C LYS A 5 20.52 -15.34 6.22
N VAL A 6 20.43 -14.31 5.39
CA VAL A 6 19.19 -13.69 5.03
C VAL A 6 19.02 -13.80 3.52
N CYS A 7 17.86 -14.28 3.08
CA CYS A 7 17.54 -14.19 1.66
C CYS A 7 16.26 -13.35 1.49
N GLN A 8 16.03 -12.82 0.28
CA GLN A 8 15.00 -11.81 0.06
C GLN A 8 13.58 -12.35 0.08
N GLY A 9 13.39 -13.58 -0.35
CA GLY A 9 12.06 -14.13 -0.45
C GLY A 9 11.54 -13.88 -1.84
N THR A 10 10.42 -14.52 -2.14
CA THR A 10 9.75 -14.37 -3.41
C THR A 10 8.32 -13.89 -3.26
N SER A 11 7.82 -13.25 -4.31
CA SER A 11 6.40 -12.95 -4.46
C SER A 11 5.92 -13.32 -5.84
N ASN A 12 6.09 -14.57 -6.28
CA ASN A 12 5.56 -14.93 -7.59
C ASN A 12 4.08 -15.40 -7.59
N LYS A 13 3.45 -15.38 -6.42
CA LYS A 13 2.28 -16.19 -6.09
C LYS A 13 2.28 -17.46 -6.91
N LEU A 14 1.29 -17.73 -7.74
CA LEU A 14 1.26 -18.93 -8.56
C LEU A 14 1.89 -18.78 -9.95
N THR A 15 2.47 -17.63 -10.25
CA THR A 15 3.13 -17.42 -11.54
C THR A 15 4.29 -18.38 -11.70
N GLN A 16 4.53 -18.82 -12.93
CA GLN A 16 5.52 -19.85 -13.15
C GLN A 16 6.65 -19.35 -14.01
N LEU A 17 7.88 -19.70 -13.61
CA LEU A 17 9.06 -19.13 -14.24
C LEU A 17 9.71 -20.07 -15.24
N GLY A 18 9.45 -19.87 -16.52
CA GLY A 18 10.02 -20.75 -17.52
C GLY A 18 9.50 -22.16 -17.35
N THR A 19 10.30 -23.13 -17.76
CA THR A 19 9.90 -24.54 -17.66
C THR A 19 10.01 -24.99 -16.21
N PHE A 20 9.57 -26.21 -15.94
CA PHE A 20 9.55 -26.67 -14.58
C PHE A 20 10.98 -26.65 -14.02
N GLU A 21 11.96 -27.01 -14.88
CA GLU A 21 13.36 -26.93 -14.56
C GLU A 21 13.73 -25.48 -14.26
N ASP A 22 13.51 -24.57 -15.22
CA ASP A 22 13.81 -23.15 -14.99
C ASP A 22 13.38 -22.70 -13.58
N HIS A 23 12.13 -23.04 -13.24
CA HIS A 23 11.44 -22.70 -12.01
C HIS A 23 12.10 -23.37 -10.79
N PHE A 24 12.46 -24.63 -10.93
CA PHE A 24 13.22 -25.29 -9.87
C PHE A 24 14.58 -24.60 -9.59
N LEU A 25 15.30 -24.29 -10.65
CA LEU A 25 16.57 -23.60 -10.56
C LEU A 25 16.44 -22.21 -9.89
N SER A 26 15.28 -21.55 -10.03
CA SER A 26 15.13 -20.23 -9.39
C SER A 26 14.93 -20.43 -7.93
N LEU A 27 14.03 -21.35 -7.59
CA LEU A 27 13.69 -21.60 -6.20
C LEU A 27 15.03 -21.85 -5.54
N GLN A 28 15.81 -22.68 -6.21
CA GLN A 28 17.07 -23.12 -5.70
C GLN A 28 17.95 -21.93 -5.42
N ARG A 29 18.27 -21.15 -6.44
CA ARG A 29 19.20 -20.03 -6.25
C ARG A 29 18.63 -18.99 -5.29
N MET A 30 17.34 -19.00 -5.04
CA MET A 30 16.83 -18.01 -4.14
C MET A 30 17.09 -18.53 -2.72
N PHE A 31 16.72 -19.77 -2.46
CA PHE A 31 16.73 -20.29 -1.10
C PHE A 31 17.99 -21.04 -0.61
N ASN A 32 18.87 -21.40 -1.56
CA ASN A 32 20.16 -22.04 -1.28
C ASN A 32 20.89 -21.50 -0.03
N ASN A 33 21.08 -22.35 0.99
CA ASN A 33 21.73 -21.95 2.24
C ASN A 33 21.08 -20.77 3.00
N CYS A 34 19.76 -20.61 2.92
CA CYS A 34 19.10 -19.48 3.56
C CYS A 34 18.42 -19.91 4.84
N GLU A 35 18.52 -19.07 5.86
CA GLU A 35 17.98 -19.37 7.17
C GLU A 35 16.78 -18.48 7.49
N VAL A 36 16.86 -17.22 7.09
CA VAL A 36 15.80 -16.26 7.36
C VAL A 36 15.28 -15.70 6.06
N VAL A 37 13.99 -15.91 5.79
CA VAL A 37 13.37 -15.29 4.61
C VAL A 37 12.69 -13.97 4.94
N LEU A 38 13.25 -12.87 4.47
CA LEU A 38 12.71 -11.53 4.69
C LEU A 38 11.31 -11.31 4.12
N GLY A 39 10.99 -12.06 3.07
CA GLY A 39 9.77 -11.93 2.31
C GLY A 39 9.01 -13.21 2.46
N ASN A 40 8.57 -13.80 1.35
CA ASN A 40 7.81 -15.02 1.47
C ASN A 40 8.50 -16.16 0.85
N LEU A 41 8.00 -17.34 1.19
CA LEU A 41 8.46 -18.59 0.62
C LEU A 41 7.35 -19.29 -0.15
N GLU A 42 7.49 -19.37 -1.46
CA GLU A 42 6.51 -19.99 -2.34
C GLU A 42 7.19 -21.16 -3.05
N ILE A 43 6.74 -22.37 -2.73
CA ILE A 43 7.25 -23.62 -3.27
C ILE A 43 6.11 -24.19 -4.13
N THR A 44 6.23 -24.09 -5.45
CA THR A 44 5.16 -24.51 -6.40
C THR A 44 5.70 -25.12 -7.67
N TYR A 45 4.87 -25.94 -8.32
CA TYR A 45 5.26 -26.60 -9.57
C TYR A 45 6.42 -27.59 -9.48
N VAL A 46 7.04 -27.78 -8.32
CA VAL A 46 8.14 -28.75 -8.19
C VAL A 46 7.67 -30.19 -8.49
N GLN A 47 8.42 -30.90 -9.33
CA GLN A 47 8.03 -32.25 -9.80
C GLN A 47 8.54 -33.42 -8.95
N ARG A 48 8.13 -34.65 -9.28
CA ARG A 48 8.69 -35.84 -8.64
C ARG A 48 10.21 -35.85 -8.77
N ASN A 49 10.86 -36.31 -7.68
CA ASN A 49 12.29 -36.56 -7.64
C ASN A 49 13.05 -35.33 -8.11
N TYR A 50 12.81 -34.24 -7.41
CA TYR A 50 13.62 -33.07 -7.48
C TYR A 50 13.99 -32.86 -6.01
N ASP A 51 15.26 -32.68 -5.73
CA ASP A 51 15.74 -32.56 -4.37
C ASP A 51 15.41 -31.20 -3.78
N LEU A 52 14.49 -31.15 -2.83
CA LEU A 52 14.31 -29.91 -2.08
C LEU A 52 15.04 -29.98 -0.72
N SER A 53 16.27 -30.45 -0.74
CA SER A 53 16.99 -30.63 0.50
C SER A 53 17.36 -29.30 1.14
N PHE A 54 17.55 -28.31 0.26
CA PHE A 54 18.09 -27.02 0.66
C PHE A 54 17.13 -26.38 1.64
N LEU A 55 15.83 -26.42 1.38
CA LEU A 55 14.86 -25.97 2.40
C LEU A 55 15.02 -26.56 3.83
N LYS A 56 15.95 -27.50 4.07
CA LYS A 56 16.14 -28.06 5.43
C LYS A 56 16.70 -26.94 6.28
N THR A 57 17.20 -25.91 5.62
CA THR A 57 17.97 -24.86 6.27
C THR A 57 17.18 -23.65 6.81
N ILE A 58 15.86 -23.61 6.54
CA ILE A 58 15.09 -22.41 6.73
C ILE A 58 14.49 -22.37 8.13
N GLN A 59 14.77 -21.31 8.87
CA GLN A 59 14.28 -21.23 10.24
C GLN A 59 13.14 -20.24 10.45
N GLU A 60 13.19 -19.10 9.79
CA GLU A 60 12.25 -18.01 9.96
C GLU A 60 11.78 -17.68 8.56
N VAL A 61 10.46 -17.54 8.39
CA VAL A 61 9.91 -16.92 7.20
C VAL A 61 9.11 -15.71 7.66
N ALA A 62 9.37 -14.52 7.12
CA ALA A 62 8.65 -13.30 7.54
C ALA A 62 7.24 -13.12 6.89
N GLY A 63 7.09 -13.55 5.63
CA GLY A 63 5.88 -13.24 4.90
C GLY A 63 4.95 -14.38 5.15
N TYR A 64 4.59 -15.07 4.08
CA TYR A 64 3.76 -16.27 4.21
C TYR A 64 4.43 -17.40 3.47
N VAL A 65 3.89 -18.59 3.65
CA VAL A 65 4.46 -19.79 3.03
C VAL A 65 3.37 -20.38 2.15
N LEU A 66 3.65 -20.43 0.84
CA LEU A 66 2.78 -21.03 -0.16
C LEU A 66 3.39 -22.27 -0.79
N ILE A 67 2.69 -23.39 -0.61
CA ILE A 67 3.15 -24.68 -1.08
C ILE A 67 1.94 -25.20 -1.86
N ALA A 68 2.01 -25.12 -3.18
CA ALA A 68 0.86 -25.46 -4.00
C ALA A 68 1.33 -25.97 -5.31
N LEU A 69 0.50 -26.82 -5.91
CA LEU A 69 0.72 -27.35 -7.25
C LEU A 69 2.03 -28.10 -7.41
N ASN A 70 2.41 -28.85 -6.39
CA ASN A 70 3.62 -29.67 -6.43
C ASN A 70 3.29 -31.15 -6.65
N THR A 71 4.27 -31.89 -7.19
CA THR A 71 4.18 -33.33 -7.28
C THR A 71 5.23 -34.04 -6.42
N VAL A 72 6.08 -33.26 -5.74
CA VAL A 72 7.09 -33.85 -4.88
C VAL A 72 6.41 -34.63 -3.77
N GLU A 73 6.98 -35.78 -3.45
CA GLU A 73 6.52 -36.57 -2.34
C GLU A 73 6.78 -35.86 -1.01
N ARG A 74 7.86 -35.07 -0.96
CA ARG A 74 8.48 -34.64 0.30
C ARG A 74 9.00 -33.19 0.32
N ILE A 75 8.46 -32.36 1.20
CA ILE A 75 9.01 -31.01 1.37
C ILE A 75 9.59 -30.82 2.78
N PRO A 76 10.92 -30.80 2.87
CA PRO A 76 11.59 -30.89 4.16
C PRO A 76 11.75 -29.56 4.87
N LEU A 77 10.66 -28.84 5.15
CA LEU A 77 10.77 -27.64 5.99
C LEU A 77 11.05 -27.96 7.48
N GLU A 78 12.12 -28.72 7.70
CA GLU A 78 12.35 -29.44 8.94
C GLU A 78 12.78 -28.57 10.11
N ASN A 79 13.36 -27.42 9.83
CA ASN A 79 13.70 -26.53 10.93
C ASN A 79 12.96 -25.20 10.87
N LEU A 80 11.91 -25.12 10.04
CA LEU A 80 11.11 -23.92 9.96
C LEU A 80 10.48 -23.68 11.32
N GLN A 81 10.85 -22.57 11.95
CA GLN A 81 10.55 -22.39 13.37
C GLN A 81 9.35 -21.50 13.57
N ILE A 82 9.37 -20.40 12.81
CA ILE A 82 8.29 -19.41 12.83
C ILE A 82 7.92 -18.95 11.44
N ILE A 83 6.64 -18.68 11.24
CA ILE A 83 6.16 -17.95 10.06
C ILE A 83 5.53 -16.69 10.62
N ARG A 84 6.02 -15.52 10.28
CA ARG A 84 5.48 -14.33 10.91
C ARG A 84 4.13 -13.85 10.32
N GLY A 85 3.89 -14.12 9.03
CA GLY A 85 2.68 -13.68 8.36
C GLY A 85 2.59 -12.18 8.30
N ASN A 86 3.68 -11.52 7.94
CA ASN A 86 3.68 -10.07 7.80
C ASN A 86 2.99 -9.66 6.53
N MET A 87 2.84 -10.61 5.62
CA MET A 87 2.03 -10.52 4.40
C MET A 87 1.22 -11.81 4.31
N TYR A 88 -0.07 -11.67 4.04
CA TYR A 88 -0.93 -12.83 3.82
C TYR A 88 -0.96 -13.25 2.38
N TYR A 89 -1.26 -14.54 2.20
CA TYR A 89 -1.69 -15.09 0.93
C TYR A 89 -3.21 -15.06 0.83
N GLU A 90 -3.72 -14.58 -0.30
CA GLU A 90 -5.16 -14.63 -0.64
C GLU A 90 -5.94 -13.96 0.48
N ASN A 91 -5.50 -12.79 0.88
CA ASN A 91 -6.19 -11.97 1.86
C ASN A 91 -6.18 -12.41 3.34
N SER A 92 -5.63 -13.59 3.68
CA SER A 92 -5.71 -14.11 5.07
C SER A 92 -4.80 -15.26 5.53
N TYR A 93 -4.27 -16.06 4.63
CA TYR A 93 -3.44 -17.19 5.09
C TYR A 93 -1.97 -16.89 5.15
N ALA A 94 -1.38 -17.21 6.29
CA ALA A 94 0.04 -17.12 6.42
C ALA A 94 0.60 -18.40 5.92
N LEU A 95 -0.14 -19.49 5.99
CA LEU A 95 0.35 -20.75 5.41
C LEU A 95 -0.72 -21.49 4.60
N ALA A 96 -0.54 -21.55 3.28
CA ALA A 96 -1.54 -22.18 2.39
C ALA A 96 -0.93 -23.36 1.68
N VAL A 97 -1.53 -24.52 1.80
CA VAL A 97 -0.92 -25.71 1.26
C VAL A 97 -2.02 -26.35 0.45
N LEU A 98 -2.04 -25.95 -0.81
CA LEU A 98 -3.16 -26.14 -1.71
C LEU A 98 -2.86 -27.01 -2.92
N SER A 99 -3.60 -28.09 -3.09
CA SER A 99 -3.50 -28.87 -4.32
C SER A 99 -2.08 -29.28 -4.65
N ASN A 100 -1.59 -30.34 -4.04
CA ASN A 100 -0.27 -30.81 -4.38
C ASN A 100 -0.36 -32.24 -4.87
N TYR A 101 -0.92 -32.37 -6.08
CA TYR A 101 -1.15 -33.64 -6.76
C TYR A 101 -1.03 -33.43 -8.27
N ASP A 102 -1.46 -34.45 -9.03
CA ASP A 102 -1.36 -34.56 -10.49
C ASP A 102 -2.40 -35.60 -10.94
N ALA A 103 -2.62 -35.77 -12.24
CA ALA A 103 -3.66 -36.70 -12.69
C ALA A 103 -3.37 -38.17 -12.28
N ASN A 104 -3.68 -38.51 -11.04
CA ASN A 104 -3.23 -39.75 -10.41
C ASN A 104 -3.56 -39.80 -8.92
N LYS A 105 -3.72 -38.62 -8.31
CA LYS A 105 -3.99 -38.49 -6.87
C LYS A 105 -2.76 -38.72 -5.98
N THR A 106 -1.60 -38.25 -6.44
CA THR A 106 -0.34 -38.39 -5.71
C THR A 106 0.43 -37.08 -5.72
N GLY A 107 1.49 -37.01 -4.92
CA GLY A 107 2.24 -35.79 -4.75
C GLY A 107 2.69 -35.68 -3.31
N LEU A 108 2.39 -34.55 -2.69
CA LEU A 108 2.84 -34.32 -1.34
C LEU A 108 2.30 -35.38 -0.40
N LYS A 109 3.19 -36.23 0.08
CA LYS A 109 2.86 -37.14 1.14
C LYS A 109 3.42 -36.52 2.40
N GLU A 110 4.61 -35.94 2.32
CA GLU A 110 5.39 -35.65 3.51
C GLU A 110 5.75 -34.18 3.69
N LEU A 111 5.33 -33.58 4.80
CA LEU A 111 5.66 -32.18 5.10
C LEU A 111 6.07 -32.05 6.59
N PRO A 112 7.27 -32.51 6.92
CA PRO A 112 7.69 -32.80 8.30
C PRO A 112 8.07 -31.59 9.14
N MET A 113 7.10 -30.74 9.46
CA MET A 113 7.40 -29.41 9.98
C MET A 113 7.52 -29.42 11.51
N ARG A 114 8.29 -30.38 12.01
CA ARG A 114 8.42 -30.70 13.44
C ARG A 114 8.86 -29.58 14.37
N ASN A 115 9.46 -28.53 13.81
CA ASN A 115 9.75 -27.32 14.58
C ASN A 115 8.86 -26.11 14.31
N LEU A 116 7.84 -26.19 13.41
CA LEU A 116 6.87 -25.09 13.25
C LEU A 116 6.06 -24.89 14.53
N GLN A 117 6.29 -23.79 15.22
CA GLN A 117 5.65 -23.62 16.53
C GLN A 117 4.77 -22.38 16.64
N GLU A 118 5.01 -21.44 15.74
CA GLU A 118 4.23 -20.25 15.76
C GLU A 118 4.05 -19.67 14.40
N ILE A 119 2.78 -19.48 14.07
CA ILE A 119 2.40 -18.62 12.97
C ILE A 119 1.83 -17.42 13.66
N LEU A 120 2.54 -16.29 13.56
CA LEU A 120 2.30 -15.16 14.43
C LEU A 120 1.04 -14.43 14.10
N HIS A 121 0.75 -14.32 12.80
CA HIS A 121 -0.44 -13.63 12.28
C HIS A 121 -0.93 -14.44 11.11
N GLY A 122 -2.24 -14.39 10.87
CA GLY A 122 -2.80 -15.03 9.70
C GLY A 122 -3.23 -16.45 10.01
N ALA A 123 -4.03 -17.02 9.12
CA ALA A 123 -4.58 -18.35 9.35
C ALA A 123 -3.92 -19.36 8.46
N VAL A 124 -4.47 -20.57 8.41
CA VAL A 124 -3.77 -21.72 7.78
C VAL A 124 -4.79 -22.40 6.92
N ARG A 125 -4.43 -22.73 5.70
CA ARG A 125 -5.32 -23.49 4.81
C ARG A 125 -4.67 -24.71 4.11
N PHE A 126 -5.40 -25.81 4.11
CA PHE A 126 -4.98 -27.04 3.46
C PHE A 126 -6.18 -27.45 2.64
N SER A 127 -5.96 -27.63 1.34
CA SER A 127 -6.96 -28.12 0.45
C SER A 127 -6.38 -29.00 -0.63
N ASN A 128 -7.03 -30.12 -0.89
CA ASN A 128 -6.62 -31.05 -1.95
C ASN A 128 -5.15 -31.42 -1.95
N ASN A 129 -4.80 -32.22 -0.94
CA ASN A 129 -3.57 -32.94 -0.88
C ASN A 129 -3.96 -34.38 -0.52
N PRO A 130 -4.49 -35.10 -1.50
CA PRO A 130 -4.90 -36.49 -1.31
C PRO A 130 -3.77 -37.45 -0.99
N ALA A 131 -2.54 -36.98 -0.82
CA ALA A 131 -1.44 -37.89 -0.47
C ALA A 131 -0.73 -37.51 0.83
N LEU A 132 -1.07 -36.35 1.39
CA LEU A 132 -0.45 -35.82 2.60
C LEU A 132 -0.80 -36.56 3.88
N CYS A 133 0.22 -37.03 4.58
CA CYS A 133 0.04 -37.81 5.78
C CYS A 133 0.27 -36.97 7.02
N ASN A 134 -0.29 -37.44 8.14
CA ASN A 134 0.08 -37.03 9.50
C ASN A 134 -0.26 -35.59 9.90
N VAL A 135 0.00 -34.63 9.00
CA VAL A 135 -0.47 -33.26 9.18
C VAL A 135 -1.92 -33.29 9.64
N GLU A 136 -2.71 -34.17 9.03
CA GLU A 136 -4.01 -34.50 9.56
C GLU A 136 -4.11 -34.28 11.08
N SER A 137 -3.10 -34.74 11.84
CA SER A 137 -3.23 -34.89 13.29
C SER A 137 -2.90 -33.66 14.17
N ILE A 138 -2.13 -32.69 13.64
CA ILE A 138 -1.66 -31.54 14.40
C ILE A 138 -2.68 -30.76 15.24
N GLN A 139 -2.23 -30.14 16.32
CA GLN A 139 -3.05 -29.22 17.10
C GLN A 139 -2.65 -27.78 16.81
N TRP A 140 -3.22 -27.22 15.76
CA TRP A 140 -3.06 -25.82 15.37
C TRP A 140 -3.34 -24.83 16.48
N ARG A 141 -4.20 -25.19 17.42
CA ARG A 141 -4.41 -24.37 18.60
C ARG A 141 -3.10 -23.92 19.31
N ASP A 142 -2.01 -24.68 19.11
CA ASP A 142 -0.72 -24.36 19.70
C ASP A 142 0.16 -23.54 18.77
N ILE A 143 -0.03 -23.67 17.45
CA ILE A 143 0.78 -22.93 16.47
C ILE A 143 0.26 -21.55 16.15
N VAL A 144 -1.05 -21.50 15.94
CA VAL A 144 -1.75 -20.34 15.41
C VAL A 144 -2.31 -19.56 16.56
N SER A 145 -2.31 -18.24 16.44
CA SER A 145 -2.88 -17.42 17.50
C SER A 145 -4.40 -17.37 17.40
N SER A 146 -5.04 -17.29 18.55
CA SER A 146 -6.48 -17.45 18.64
C SER A 146 -7.26 -16.52 17.70
N ASP A 147 -6.68 -15.38 17.36
CA ASP A 147 -7.38 -14.40 16.55
C ASP A 147 -7.66 -14.91 15.13
N PHE A 148 -6.87 -15.87 14.68
CA PHE A 148 -6.99 -16.38 13.33
C PHE A 148 -7.43 -17.82 13.34
N LEU A 149 -7.77 -18.30 14.53
CA LEU A 149 -8.21 -19.68 14.69
C LEU A 149 -9.52 -19.95 13.99
N SER A 150 -10.46 -19.02 14.11
CA SER A 150 -11.74 -19.13 13.43
C SER A 150 -11.66 -18.69 11.96
N ASN A 151 -10.47 -18.75 11.37
CA ASN A 151 -10.34 -18.36 9.97
C ASN A 151 -9.56 -19.36 9.12
N MET A 152 -9.71 -20.65 9.43
CA MET A 152 -8.99 -21.71 8.73
C MET A 152 -9.86 -22.57 7.80
N SER A 153 -9.26 -22.96 6.68
CA SER A 153 -9.86 -23.89 5.72
C SER A 153 -9.01 -25.18 5.75
N MET A 154 -9.55 -26.21 6.41
CA MET A 154 -8.82 -27.44 6.71
C MET A 154 -9.50 -28.68 6.10
N ASP A 155 -8.80 -29.32 5.18
CA ASP A 155 -9.30 -30.44 4.38
C ASP A 155 -8.13 -31.36 4.01
N PHE A 156 -8.23 -32.62 4.46
CA PHE A 156 -7.30 -33.71 4.07
C PHE A 156 -8.14 -34.94 3.76
N GLN A 157 -8.23 -35.32 2.47
CA GLN A 157 -9.29 -36.20 1.99
C GLN A 157 -8.91 -37.59 1.43
N ASN A 158 -7.91 -38.26 2.01
CA ASN A 158 -7.57 -39.61 1.55
C ASN A 158 -8.15 -40.71 2.46
N HIS A 159 -8.68 -41.76 1.83
CA HIS A 159 -9.27 -42.88 2.57
C HIS A 159 -8.21 -43.75 3.28
N LEU A 160 -7.12 -44.04 2.57
CA LEU A 160 -5.97 -44.78 3.09
C LEU A 160 -4.70 -44.28 2.38
N GLY A 161 -3.60 -45.02 2.53
CA GLY A 161 -2.38 -44.67 1.82
C GLY A 161 -1.09 -45.18 2.46
N SER A 162 -0.01 -44.53 2.05
CA SER A 162 1.34 -44.82 2.52
C SER A 162 1.58 -44.28 3.94
N CYS A 163 0.58 -44.44 4.82
CA CYS A 163 0.59 -43.70 6.08
C CYS A 163 0.97 -44.54 7.28
N GLN A 164 2.12 -44.20 7.84
CA GLN A 164 2.57 -44.70 9.12
C GLN A 164 1.77 -44.00 10.22
N LYS A 165 1.41 -44.74 11.26
CA LYS A 165 0.83 -44.15 12.46
C LYS A 165 1.89 -43.30 13.16
N CYS A 166 1.49 -42.35 14.00
CA CYS A 166 2.49 -41.60 14.77
C CYS A 166 3.18 -42.48 15.81
N ASP A 167 4.26 -41.98 16.41
CA ASP A 167 4.93 -42.65 17.53
C ASP A 167 4.00 -42.70 18.77
N PRO A 168 4.03 -43.79 19.54
CA PRO A 168 3.34 -43.83 20.84
C PRO A 168 3.68 -42.63 21.74
N SER A 169 4.90 -42.13 21.64
CA SER A 169 5.38 -41.00 22.46
C SER A 169 4.91 -39.62 21.97
N CYS A 170 3.66 -39.51 21.55
CA CYS A 170 3.17 -38.27 20.94
C CYS A 170 2.02 -37.64 21.73
N PRO A 171 1.96 -36.30 21.75
CA PRO A 171 0.91 -35.57 22.46
C PRO A 171 -0.44 -35.72 21.78
N ASN A 172 -1.42 -36.22 22.53
CA ASN A 172 -2.75 -36.52 22.00
C ASN A 172 -2.76 -36.96 20.52
N GLY A 173 -1.74 -37.74 20.15
CA GLY A 173 -1.65 -38.40 18.85
C GLY A 173 -1.27 -37.53 17.68
N SER A 174 -0.60 -36.40 17.93
CA SER A 174 -0.27 -35.49 16.84
C SER A 174 1.21 -35.46 16.46
N CYS A 175 1.46 -35.63 15.17
CA CYS A 175 2.79 -35.51 14.60
C CYS A 175 2.74 -35.05 13.14
N TRP A 176 3.92 -34.72 12.62
CA TRP A 176 4.09 -34.21 11.29
C TRP A 176 4.56 -35.30 10.34
N GLY A 177 4.74 -36.50 10.86
CA GLY A 177 5.31 -37.60 10.11
C GLY A 177 5.73 -38.75 11.01
N ALA A 178 6.47 -39.72 10.47
CA ALA A 178 6.85 -40.93 11.20
C ALA A 178 8.13 -40.76 12.02
N GLY A 179 8.18 -41.44 13.16
CA GLY A 179 9.33 -41.35 14.02
C GLY A 179 9.10 -40.36 15.13
N GLU A 180 9.83 -40.52 16.24
CA GLU A 180 9.73 -39.63 17.40
C GLU A 180 10.10 -38.21 17.06
N GLU A 181 11.14 -38.07 16.24
CA GLU A 181 11.62 -36.76 15.79
C GLU A 181 10.46 -35.87 15.35
N ASN A 182 9.41 -36.46 14.76
CA ASN A 182 8.26 -35.72 14.23
C ASN A 182 7.07 -35.48 15.16
N CYS A 183 7.07 -36.01 16.38
CA CYS A 183 6.01 -35.70 17.34
C CYS A 183 5.89 -34.17 17.48
N GLN A 184 4.66 -33.65 17.56
CA GLN A 184 4.47 -32.21 17.67
C GLN A 184 4.95 -31.75 19.04
N LYS A 185 5.82 -30.74 19.06
CA LYS A 185 6.26 -30.20 20.35
C LYS A 185 5.30 -29.12 20.73
N LEU A 186 4.53 -29.26 21.80
CA LEU A 186 3.63 -28.18 22.24
C LEU A 186 4.22 -27.18 23.28
N THR A 187 4.17 -25.88 22.99
CA THR A 187 4.64 -24.86 23.96
C THR A 187 3.68 -23.71 24.30
N LYS A 188 2.36 -23.99 24.38
CA LYS A 188 1.31 -23.00 24.71
C LYS A 188 0.02 -23.61 25.30
N ILE A 189 -0.48 -24.72 24.71
CA ILE A 189 -1.58 -25.53 25.27
C ILE A 189 -1.28 -26.05 26.68
N ILE A 190 -0.29 -26.92 26.76
CA ILE A 190 0.19 -27.46 28.01
C ILE A 190 1.15 -26.41 28.52
N CYS A 191 0.90 -25.98 29.75
CA CYS A 191 1.44 -24.72 30.25
C CYS A 191 0.84 -24.43 31.63
N ALA A 192 0.53 -23.16 31.90
CA ALA A 192 0.35 -22.80 33.28
C ALA A 192 -0.37 -21.49 33.40
N GLN A 193 -1.38 -21.50 34.25
CA GLN A 193 -2.12 -20.30 34.51
C GLN A 193 -1.16 -19.13 34.54
N GLN A 194 0.01 -19.35 35.12
CA GLN A 194 0.97 -18.28 35.34
C GLN A 194 1.64 -17.76 34.05
N CYS A 195 1.75 -18.60 33.02
CA CYS A 195 2.42 -18.17 31.81
C CYS A 195 1.54 -17.28 30.95
N SER A 196 2.02 -16.06 30.70
CA SER A 196 1.38 -15.12 29.81
C SER A 196 2.03 -15.08 28.45
N GLY A 197 2.29 -16.25 27.85
CA GLY A 197 3.16 -16.36 26.69
C GLY A 197 3.39 -17.83 26.36
N ARG A 198 4.66 -18.23 26.16
CA ARG A 198 4.96 -19.62 25.85
C ARG A 198 5.76 -20.29 26.96
N CYS A 199 5.91 -21.63 26.91
CA CYS A 199 6.63 -22.38 27.97
C CYS A 199 7.61 -23.45 27.52
N ARG A 200 8.61 -23.78 28.37
CA ARG A 200 9.54 -24.94 28.18
C ARG A 200 8.95 -26.24 28.68
N GLY A 201 7.83 -26.15 29.41
CA GLY A 201 7.18 -27.33 29.93
C GLY A 201 5.99 -27.07 30.81
N LYS A 202 5.36 -28.17 31.21
CA LYS A 202 4.12 -28.20 32.00
C LYS A 202 4.04 -27.38 33.25
N SER A 203 5.17 -26.90 33.79
CA SER A 203 5.15 -26.25 35.12
C SER A 203 5.43 -24.73 35.17
N PRO A 204 5.03 -24.06 36.24
CA PRO A 204 5.15 -22.60 36.33
C PRO A 204 6.56 -22.04 36.14
N SER A 205 7.60 -22.70 36.66
CA SER A 205 8.97 -22.16 36.53
C SER A 205 9.45 -22.16 35.08
N ASP A 206 8.86 -23.03 34.25
CA ASP A 206 9.11 -23.13 32.81
C ASP A 206 8.69 -21.90 31.91
N CYS A 207 8.18 -20.81 32.48
CA CYS A 207 7.66 -19.68 31.66
C CYS A 207 8.66 -18.96 30.77
N CYS A 208 8.33 -18.79 29.49
CA CYS A 208 9.14 -17.96 28.61
C CYS A 208 8.82 -16.47 28.77
N HIS A 209 9.86 -15.65 28.68
CA HIS A 209 9.75 -14.22 28.56
C HIS A 209 8.76 -13.84 27.49
N ASN A 210 8.07 -12.73 27.67
CA ASN A 210 7.01 -12.31 26.77
C ASN A 210 7.50 -11.94 25.37
N GLN A 211 8.79 -11.66 25.23
CA GLN A 211 9.40 -11.36 23.94
C GLN A 211 9.82 -12.56 23.09
N CYS A 212 9.47 -13.79 23.50
CA CYS A 212 9.87 -15.00 22.75
C CYS A 212 8.76 -15.50 21.90
N ALA A 213 9.11 -16.05 20.75
CA ALA A 213 8.04 -16.43 19.84
C ALA A 213 7.73 -17.94 19.83
N ALA A 214 8.73 -18.82 19.75
CA ALA A 214 8.34 -20.24 19.61
C ALA A 214 8.54 -21.17 20.82
N GLY A 215 9.14 -20.63 21.86
CA GLY A 215 9.53 -21.45 23.00
C GLY A 215 10.89 -20.95 23.38
N CYS A 216 11.41 -21.46 24.49
CA CYS A 216 12.69 -20.93 24.99
C CYS A 216 13.57 -21.98 25.56
N THR A 217 14.82 -21.62 25.75
CA THR A 217 15.73 -22.53 26.39
C THR A 217 15.90 -22.12 27.86
N GLY A 218 15.23 -21.06 28.28
CA GLY A 218 15.32 -20.60 29.66
C GLY A 218 14.39 -19.45 30.01
N PRO A 219 14.65 -18.74 31.10
CA PRO A 219 13.78 -17.67 31.58
C PRO A 219 14.04 -16.27 30.98
N ARG A 220 15.19 -16.07 30.37
CA ARG A 220 15.63 -14.75 29.98
C ARG A 220 15.06 -14.23 28.65
N GLU A 221 15.43 -13.00 28.29
CA GLU A 221 15.10 -12.46 26.97
C GLU A 221 16.19 -12.81 25.97
N SER A 222 17.20 -13.53 26.44
CA SER A 222 18.31 -13.96 25.60
C SER A 222 18.24 -15.48 25.43
N ASP A 223 17.18 -16.06 25.98
CA ASP A 223 16.98 -17.50 25.99
C ASP A 223 15.85 -17.90 25.01
N CYS A 224 15.38 -16.92 24.21
CA CYS A 224 14.29 -17.17 23.27
C CYS A 224 14.76 -18.02 22.11
N LEU A 225 13.84 -18.84 21.58
CA LEU A 225 14.15 -19.56 20.35
C LEU A 225 14.14 -18.57 19.21
N VAL A 226 13.10 -17.73 19.19
CA VAL A 226 12.93 -16.72 18.17
C VAL A 226 12.37 -15.46 18.84
N CYS A 227 12.75 -14.28 18.35
CA CYS A 227 12.19 -13.01 18.86
C CYS A 227 10.79 -12.70 18.24
N ARG A 228 9.82 -12.37 19.11
CA ARG A 228 8.48 -11.99 18.68
C ARG A 228 8.50 -10.74 17.78
N LYS A 229 9.36 -9.78 18.08
CA LYS A 229 9.40 -8.56 17.32
C LYS A 229 10.79 -8.37 16.82
N PHE A 230 11.68 -7.81 17.62
CA PHE A 230 13.00 -7.51 17.07
C PHE A 230 14.15 -8.18 17.84
N ARG A 231 15.18 -8.53 17.10
CA ARG A 231 16.37 -9.06 17.69
C ARG A 231 17.38 -7.96 17.42
N ASP A 232 17.78 -7.30 18.51
CA ASP A 232 18.82 -6.28 18.49
C ASP A 232 20.01 -6.84 19.24
N GLU A 233 21.08 -7.13 18.48
CA GLU A 233 22.25 -7.87 18.98
C GLU A 233 21.83 -9.27 19.41
N ALA A 234 22.01 -9.58 20.69
CA ALA A 234 21.64 -10.88 21.22
C ALA A 234 20.58 -10.78 22.31
N THR A 235 19.76 -9.72 22.22
CA THR A 235 18.55 -9.56 23.04
C THR A 235 17.35 -9.41 22.12
N CYS A 236 16.23 -9.96 22.56
CA CYS A 236 14.95 -9.70 21.96
C CYS A 236 14.38 -8.39 22.51
N LYS A 237 13.86 -7.55 21.63
CA LYS A 237 13.18 -6.33 22.06
C LYS A 237 11.86 -6.12 21.32
N ASP A 238 11.00 -5.31 21.93
CA ASP A 238 9.76 -4.82 21.36
C ASP A 238 9.97 -4.01 20.09
N THR A 239 10.86 -3.01 20.14
CA THR A 239 11.13 -2.15 18.98
C THR A 239 12.59 -1.80 18.94
N CYS A 240 13.14 -1.70 17.74
CA CYS A 240 14.48 -1.14 17.53
C CYS A 240 14.67 0.18 18.27
N PRO A 241 15.86 0.43 18.81
CA PRO A 241 16.21 1.78 19.27
C PRO A 241 15.75 2.84 18.25
N PRO A 242 14.83 3.71 18.67
CA PRO A 242 14.15 4.70 17.82
C PRO A 242 15.09 5.62 17.08
N LEU A 243 14.74 5.99 15.85
CA LEU A 243 15.47 6.98 15.08
C LEU A 243 15.28 8.38 15.62
N MET A 244 14.08 8.62 16.15
CA MET A 244 13.62 9.88 16.70
C MET A 244 13.73 9.63 18.21
N LEU A 245 14.13 10.63 19.00
CA LEU A 245 14.11 10.51 20.46
C LEU A 245 13.49 11.77 21.07
N TYR A 246 13.10 11.73 22.35
CA TYR A 246 12.41 12.84 23.00
C TYR A 246 13.39 13.85 23.60
N ASN A 247 13.28 15.09 23.13
CA ASN A 247 14.17 16.17 23.51
C ASN A 247 13.46 17.07 24.55
N PRO A 248 13.94 17.03 25.80
CA PRO A 248 13.24 17.60 26.96
C PRO A 248 13.19 19.13 26.92
N THR A 249 13.85 19.65 25.91
CA THR A 249 14.14 21.05 25.84
C THR A 249 13.29 21.61 24.72
N THR A 250 12.94 20.76 23.76
CA THR A 250 11.99 21.13 22.71
C THR A 250 10.60 20.56 23.00
N TYR A 251 10.57 19.57 23.90
CA TYR A 251 9.38 18.79 24.27
C TYR A 251 8.81 18.02 23.08
N GLN A 252 9.62 17.85 22.04
CA GLN A 252 9.25 17.08 20.85
C GLN A 252 10.43 16.15 20.48
N MET A 253 10.27 15.41 19.39
CA MET A 253 11.16 14.35 19.00
C MET A 253 12.33 14.91 18.18
N ASP A 254 13.54 14.54 18.55
CA ASP A 254 14.76 15.02 17.91
C ASP A 254 15.50 13.81 17.35
N VAL A 255 16.61 14.05 16.66
CA VAL A 255 17.39 13.00 16.03
C VAL A 255 18.11 12.18 17.10
N ASN A 256 17.97 10.87 17.02
CA ASN A 256 18.61 9.98 17.97
C ASN A 256 19.88 9.31 17.39
N PRO A 257 21.05 9.78 17.81
CA PRO A 257 22.33 9.32 17.21
C PRO A 257 22.57 7.85 17.47
N GLU A 258 22.05 7.33 18.57
CA GLU A 258 22.09 5.90 18.91
C GLU A 258 20.93 5.10 18.30
N GLY A 259 20.14 5.76 17.44
CA GLY A 259 19.02 5.13 16.76
C GLY A 259 19.43 4.07 15.74
N LYS A 260 18.64 3.00 15.67
CA LYS A 260 18.84 1.91 14.72
C LYS A 260 17.63 1.73 13.77
N TYR A 261 17.91 1.53 12.47
CA TYR A 261 16.88 1.13 11.48
C TYR A 261 16.35 -0.31 11.71
N SER A 262 15.53 -0.81 10.78
CA SER A 262 14.82 -2.08 11.02
C SER A 262 14.88 -2.94 9.80
N PHE A 263 15.55 -4.07 9.90
CA PHE A 263 15.86 -4.92 8.75
C PHE A 263 15.31 -6.32 9.04
N GLY A 264 14.14 -6.62 8.49
CA GLY A 264 13.39 -7.79 8.88
C GLY A 264 13.09 -7.64 10.35
N ALA A 265 13.30 -8.72 11.09
CA ALA A 265 13.09 -8.67 12.51
C ALA A 265 14.41 -8.31 13.20
N THR A 266 15.29 -7.61 12.48
CA THR A 266 16.58 -7.21 13.03
C THR A 266 16.66 -5.70 13.19
N CYS A 267 17.50 -5.24 14.13
CA CYS A 267 17.84 -3.84 14.30
C CYS A 267 19.27 -3.60 13.82
N VAL A 268 19.42 -2.73 12.82
CA VAL A 268 20.77 -2.48 12.30
C VAL A 268 21.18 -1.03 12.46
N LYS A 269 22.49 -0.84 12.57
CA LYS A 269 23.12 0.46 12.61
C LYS A 269 22.94 1.24 11.31
N LYS A 270 22.74 0.53 10.19
CA LYS A 270 22.65 1.13 8.84
C LYS A 270 22.11 0.17 7.76
N CYS A 271 21.56 0.72 6.68
CA CYS A 271 20.96 -0.09 5.60
C CYS A 271 21.98 -0.77 4.69
N PRO A 272 21.81 -2.07 4.44
CA PRO A 272 22.79 -2.86 3.67
C PRO A 272 22.83 -2.58 2.16
N ARG A 273 23.62 -3.40 1.44
CA ARG A 273 23.68 -3.45 -0.04
C ARG A 273 23.19 -2.18 -0.77
N ASN A 274 22.03 -2.25 -1.41
CA ASN A 274 21.36 -1.07 -1.95
C ASN A 274 19.95 -0.97 -1.37
N TYR A 275 19.83 -0.31 -0.23
CA TYR A 275 18.60 -0.33 0.55
C TYR A 275 18.00 1.03 0.89
N VAL A 276 16.73 1.22 0.51
CA VAL A 276 15.95 2.42 0.82
C VAL A 276 15.26 2.31 2.20
N VAL A 277 14.82 3.45 2.73
CA VAL A 277 14.24 3.53 4.06
C VAL A 277 12.78 3.96 4.03
N THR A 278 11.98 3.46 4.96
CA THR A 278 10.59 3.90 5.12
C THR A 278 10.37 4.73 6.37
N ASP A 279 9.22 5.39 6.42
CA ASP A 279 8.76 6.17 7.58
C ASP A 279 8.12 5.27 8.66
N HIS A 280 8.40 3.98 8.57
CA HIS A 280 8.25 3.06 9.69
C HIS A 280 9.65 2.91 10.26
N GLY A 281 10.64 3.41 9.50
CA GLY A 281 12.04 3.26 9.85
C GLY A 281 12.57 1.88 9.52
N SER A 282 12.39 1.45 8.27
CA SER A 282 12.75 0.11 7.85
C SER A 282 13.66 0.14 6.63
N CYS A 283 14.62 -0.78 6.61
CA CYS A 283 15.45 -1.02 5.44
C CYS A 283 14.74 -2.00 4.52
N VAL A 284 14.66 -1.65 3.24
CA VAL A 284 13.87 -2.38 2.26
C VAL A 284 14.53 -2.34 0.86
N ARG A 285 14.17 -3.26 -0.02
CA ARG A 285 14.80 -3.32 -1.33
C ARG A 285 14.20 -2.31 -2.31
N ALA A 286 12.89 -2.07 -2.18
CA ALA A 286 12.19 -1.09 -3.02
C ALA A 286 10.88 -0.58 -2.41
N CYS A 287 10.55 0.67 -2.71
CA CYS A 287 9.34 1.34 -2.23
C CYS A 287 8.03 0.75 -2.75
N GLY A 288 6.94 1.06 -2.05
CA GLY A 288 5.59 0.69 -2.45
C GLY A 288 5.12 1.44 -3.69
N ALA A 289 4.00 0.99 -4.24
CA ALA A 289 3.46 1.55 -5.47
C ALA A 289 2.89 2.97 -5.35
N ASP A 290 2.37 3.31 -4.17
CA ASP A 290 1.76 4.63 -3.95
C ASP A 290 2.77 5.70 -3.56
N SER A 291 4.06 5.41 -3.78
CA SER A 291 5.17 6.29 -3.41
C SER A 291 6.39 5.98 -4.28
N TYR A 292 7.36 6.89 -4.33
CA TYR A 292 8.67 6.62 -4.95
C TYR A 292 9.64 7.80 -4.84
N GLU A 293 10.64 7.66 -3.97
CA GLU A 293 11.56 8.76 -3.69
C GLU A 293 13.06 8.50 -3.87
N MET A 294 13.83 9.58 -3.80
CA MET A 294 15.30 9.57 -3.90
C MET A 294 15.97 10.13 -2.63
N GLU A 295 17.28 10.35 -2.70
CA GLU A 295 18.10 10.78 -1.56
C GLU A 295 17.69 12.14 -0.96
N GLU A 296 17.32 12.12 0.31
CA GLU A 296 16.92 13.31 1.07
C GLU A 296 17.85 13.49 2.29
N ASP A 297 19.02 14.07 2.01
CA ASP A 297 20.13 14.15 2.97
C ASP A 297 20.69 12.76 3.27
N GLY A 298 21.68 12.35 2.50
CA GLY A 298 22.40 11.10 2.72
C GLY A 298 21.64 9.81 2.42
N VAL A 299 20.97 9.28 3.44
CA VAL A 299 20.16 8.05 3.33
C VAL A 299 18.96 8.21 2.39
N ARG A 300 18.87 7.31 1.40
CA ARG A 300 17.72 7.27 0.49
C ARG A 300 16.42 6.90 1.21
N LYS A 301 15.47 7.83 1.25
CA LYS A 301 14.19 7.62 1.92
C LYS A 301 13.07 7.38 0.91
N CYS A 302 11.97 6.77 1.36
CA CYS A 302 10.77 6.60 0.53
C CYS A 302 9.80 7.70 0.92
N LYS A 303 9.29 8.43 -0.07
CA LYS A 303 8.30 9.49 0.12
C LYS A 303 7.12 9.31 -0.82
N LYS A 304 6.04 10.03 -0.53
CA LYS A 304 4.78 9.87 -1.25
C LYS A 304 4.72 10.74 -2.46
N CYS A 305 4.38 10.13 -3.58
CA CYS A 305 3.71 10.88 -4.64
C CYS A 305 2.30 11.07 -4.04
N GLU A 306 1.80 12.31 -4.05
CA GLU A 306 0.46 12.56 -3.53
C GLU A 306 -0.58 12.77 -4.67
N GLY A 307 -0.08 12.90 -5.88
CA GLY A 307 -0.85 12.55 -7.06
C GLY A 307 -0.51 11.09 -7.30
N PRO A 308 -1.39 10.32 -7.93
CA PRO A 308 -1.07 8.92 -8.25
C PRO A 308 0.14 8.92 -9.17
N CYS A 309 1.19 8.18 -8.79
CA CYS A 309 2.52 8.30 -9.40
C CYS A 309 2.50 8.52 -10.94
N ARG A 310 3.20 9.57 -11.37
CA ARG A 310 3.40 9.94 -12.78
C ARG A 310 3.56 8.76 -13.76
N LYS A 311 2.59 8.63 -14.67
CA LYS A 311 2.66 7.66 -15.77
C LYS A 311 2.60 8.40 -17.09
N VAL A 312 3.66 8.26 -17.90
CA VAL A 312 3.72 8.87 -19.24
C VAL A 312 3.13 7.90 -20.27
N CYS A 313 2.13 8.43 -20.98
CA CYS A 313 1.30 7.66 -21.87
C CYS A 313 1.36 8.27 -23.27
N ASN A 314 1.36 7.41 -24.28
CA ASN A 314 1.47 7.82 -25.69
C ASN A 314 0.59 8.98 -26.19
N GLY A 315 -0.66 8.72 -26.56
CA GLY A 315 -1.50 9.75 -27.18
C GLY A 315 -1.92 9.46 -28.63
N ILE A 316 -3.07 9.98 -29.04
CA ILE A 316 -3.65 9.60 -30.32
C ILE A 316 -2.84 10.09 -31.54
N GLY A 317 -2.39 9.14 -32.34
CA GLY A 317 -1.62 9.47 -33.53
C GLY A 317 -0.21 8.88 -33.53
N ILE A 318 0.51 9.11 -32.44
CA ILE A 318 1.89 8.65 -32.30
C ILE A 318 2.00 7.32 -31.56
N GLY A 319 3.15 6.67 -31.72
CA GLY A 319 3.53 5.49 -30.94
C GLY A 319 2.64 4.30 -31.15
N GLU A 320 2.30 3.62 -30.06
CA GLU A 320 1.49 2.39 -30.10
C GLU A 320 0.06 2.65 -30.57
N PHE A 321 -0.41 3.89 -30.33
CA PHE A 321 -1.74 4.29 -30.76
C PHE A 321 -1.73 4.94 -32.16
N LYS A 322 -0.70 4.65 -32.96
CA LYS A 322 -0.54 5.19 -34.30
C LYS A 322 -1.65 4.71 -35.22
N ASP A 323 -2.01 5.54 -36.21
CA ASP A 323 -3.13 5.29 -37.12
C ASP A 323 -4.46 4.96 -36.40
N SER A 324 -4.70 5.69 -35.30
CA SER A 324 -5.99 5.72 -34.61
C SER A 324 -6.60 7.12 -34.71
N LEU A 325 -7.90 7.19 -35.01
CA LEU A 325 -8.58 8.47 -35.13
C LEU A 325 -8.87 9.12 -33.76
N SER A 326 -9.37 8.34 -32.80
CA SER A 326 -9.62 8.86 -31.47
C SER A 326 -9.57 7.81 -30.34
N ILE A 327 -9.83 8.25 -29.12
CA ILE A 327 -10.10 7.35 -28.03
C ILE A 327 -11.29 6.46 -28.43
N ASN A 328 -11.19 5.15 -28.19
CA ASN A 328 -12.19 4.14 -28.60
C ASN A 328 -12.57 3.20 -27.48
N ALA A 329 -13.39 2.21 -27.84
CA ALA A 329 -13.68 1.10 -26.96
C ALA A 329 -12.43 0.22 -26.89
N THR A 330 -11.71 0.13 -28.00
CA THR A 330 -10.51 -0.70 -28.10
C THR A 330 -9.32 -0.01 -27.46
N ASN A 331 -9.48 1.28 -27.25
CA ASN A 331 -8.41 2.21 -26.96
C ASN A 331 -8.22 2.49 -25.48
N ILE A 332 -9.34 2.78 -24.83
CA ILE A 332 -9.40 3.62 -23.65
C ILE A 332 -8.89 2.96 -22.36
N LYS A 333 -8.77 1.63 -22.36
CA LYS A 333 -8.17 0.95 -21.21
C LYS A 333 -6.70 1.35 -21.08
N HIS A 334 -5.98 1.41 -22.20
CA HIS A 334 -4.53 1.62 -22.20
C HIS A 334 -4.07 2.95 -21.60
N PHE A 335 -4.98 3.63 -20.90
CA PHE A 335 -4.75 4.97 -20.35
C PHE A 335 -5.18 5.05 -18.90
N LYS A 336 -4.96 3.97 -18.15
CA LYS A 336 -5.50 3.84 -16.79
C LYS A 336 -4.85 4.80 -15.82
N ASN A 337 -3.67 4.45 -15.33
CA ASN A 337 -3.02 5.26 -14.30
C ASN A 337 -2.20 6.40 -14.90
N CYS A 338 -2.71 6.97 -16.00
CA CYS A 338 -1.95 7.93 -16.77
C CYS A 338 -2.23 9.36 -16.36
N THR A 339 -1.15 10.09 -16.10
CA THR A 339 -1.24 11.43 -15.56
C THR A 339 -0.75 12.41 -16.59
N SER A 340 -0.12 11.90 -17.64
CA SER A 340 0.40 12.76 -18.69
C SER A 340 0.37 12.11 -20.08
N ILE A 341 0.00 12.89 -21.08
CA ILE A 341 -0.13 12.44 -22.46
C ILE A 341 1.00 13.01 -23.31
N SER A 342 1.84 12.12 -23.85
CA SER A 342 3.00 12.56 -24.61
C SER A 342 2.60 12.69 -26.07
N GLY A 343 1.71 13.64 -26.33
CA GLY A 343 1.08 13.80 -27.63
C GLY A 343 -0.34 14.30 -27.49
N ASP A 344 -1.15 14.08 -28.52
CA ASP A 344 -2.51 14.60 -28.58
C ASP A 344 -3.58 13.73 -27.93
N LEU A 345 -4.74 14.35 -27.72
CA LEU A 345 -5.93 13.62 -27.31
C LEU A 345 -7.10 14.02 -28.22
N HIS A 346 -7.59 13.07 -29.03
CA HIS A 346 -8.77 13.30 -29.89
C HIS A 346 -10.02 12.59 -29.35
N ILE A 347 -11.14 13.30 -29.30
CA ILE A 347 -12.42 12.64 -29.06
C ILE A 347 -13.35 13.04 -30.22
N LEU A 348 -13.70 12.06 -31.05
CA LEU A 348 -14.40 12.32 -32.31
C LEU A 348 -15.69 11.55 -32.36
N PRO A 349 -16.72 12.09 -33.03
CA PRO A 349 -17.97 11.37 -33.20
C PRO A 349 -17.84 9.84 -33.38
N VAL A 350 -16.82 9.35 -34.12
CA VAL A 350 -16.68 7.89 -34.38
C VAL A 350 -16.52 7.06 -33.11
N ALA A 351 -16.09 7.69 -32.04
CA ALA A 351 -16.00 6.99 -30.77
C ALA A 351 -17.41 6.53 -30.43
N PHE A 352 -18.32 7.47 -30.23
CA PHE A 352 -19.64 7.17 -29.69
C PHE A 352 -20.64 6.65 -30.69
N ARG A 353 -20.24 6.57 -31.96
CA ARG A 353 -21.06 5.89 -32.96
C ARG A 353 -20.48 4.54 -33.42
N GLY A 354 -19.15 4.41 -33.40
CA GLY A 354 -18.49 3.17 -33.79
C GLY A 354 -18.23 3.07 -35.29
N ASP A 355 -17.28 2.21 -35.66
CA ASP A 355 -16.76 2.24 -37.01
C ASP A 355 -16.70 0.86 -37.61
N SER A 356 -17.34 0.71 -38.77
CA SER A 356 -17.38 -0.54 -39.52
C SER A 356 -15.99 -0.92 -40.02
N PHE A 357 -15.26 0.05 -40.54
CA PHE A 357 -13.96 -0.23 -41.15
C PHE A 357 -12.92 -0.81 -40.17
N THR A 358 -12.69 -0.11 -39.07
CA THR A 358 -11.69 -0.53 -38.09
C THR A 358 -12.24 -1.50 -37.03
N HIS A 359 -13.42 -2.06 -37.32
CA HIS A 359 -14.07 -3.07 -36.49
C HIS A 359 -14.13 -2.68 -35.02
N THR A 360 -14.64 -1.48 -34.76
CA THR A 360 -14.60 -0.85 -33.44
C THR A 360 -16.00 -0.53 -32.87
N PRO A 361 -16.46 -1.29 -31.88
CA PRO A 361 -17.74 -1.04 -31.21
C PRO A 361 -17.83 0.37 -30.65
N PRO A 362 -19.03 0.91 -30.44
CA PRO A 362 -19.14 2.23 -29.83
C PRO A 362 -18.69 2.12 -28.37
N LEU A 363 -17.96 3.13 -27.92
CA LEU A 363 -17.39 3.11 -26.58
C LEU A 363 -18.43 3.49 -25.56
N ASP A 364 -18.38 2.84 -24.40
CA ASP A 364 -19.33 3.14 -23.34
C ASP A 364 -18.97 4.46 -22.69
N PRO A 365 -19.93 5.40 -22.63
CA PRO A 365 -19.65 6.77 -22.16
C PRO A 365 -19.21 6.86 -20.69
N GLN A 366 -19.41 5.80 -19.92
CA GLN A 366 -18.97 5.79 -18.53
C GLN A 366 -17.45 5.61 -18.45
N GLU A 367 -16.88 4.93 -19.44
CA GLU A 367 -15.45 4.67 -19.46
C GLU A 367 -14.60 5.93 -19.54
N LEU A 368 -15.20 7.06 -19.93
CA LEU A 368 -14.46 8.31 -20.14
C LEU A 368 -13.78 8.75 -18.85
N ASP A 369 -14.26 8.18 -17.76
CA ASP A 369 -13.75 8.42 -16.42
C ASP A 369 -12.32 7.92 -16.23
N ILE A 370 -11.82 7.15 -17.19
CA ILE A 370 -10.44 6.64 -17.11
C ILE A 370 -9.39 7.76 -17.21
N LEU A 371 -9.76 8.89 -17.83
CA LEU A 371 -8.87 10.05 -17.99
C LEU A 371 -8.89 11.06 -16.83
N LYS A 372 -9.61 10.73 -15.76
CA LYS A 372 -9.64 11.58 -14.56
C LYS A 372 -8.25 11.81 -14.01
N THR A 373 -7.32 10.95 -14.39
CA THR A 373 -5.97 10.97 -13.82
C THR A 373 -5.04 11.87 -14.63
N VAL A 374 -5.29 11.94 -15.93
CA VAL A 374 -4.51 12.77 -16.84
C VAL A 374 -4.39 14.21 -16.30
N LYS A 375 -3.18 14.75 -16.26
CA LYS A 375 -2.95 16.05 -15.65
C LYS A 375 -2.24 16.99 -16.63
N GLU A 376 -1.51 16.42 -17.58
CA GLU A 376 -0.82 17.18 -18.61
C GLU A 376 -1.12 16.55 -19.96
N ILE A 377 -1.47 17.36 -20.94
CA ILE A 377 -1.43 16.93 -22.32
C ILE A 377 -0.33 17.79 -22.93
N THR A 378 0.54 17.13 -23.69
CA THR A 378 1.71 17.78 -24.23
C THR A 378 1.44 18.33 -25.63
N GLY A 379 0.70 17.55 -26.43
CA GLY A 379 0.19 18.01 -27.71
C GLY A 379 -1.02 18.84 -27.43
N PHE A 380 -2.13 18.50 -28.10
CA PHE A 380 -3.36 19.24 -27.92
C PHE A 380 -4.53 18.37 -27.54
N LEU A 381 -5.59 19.01 -27.06
CA LEU A 381 -6.82 18.32 -26.67
C LEU A 381 -7.92 18.71 -27.65
N LEU A 382 -8.54 17.71 -28.30
CA LEU A 382 -9.58 17.99 -29.27
C LEU A 382 -10.80 17.14 -29.03
N ILE A 383 -11.91 17.80 -28.70
CA ILE A 383 -13.14 17.12 -28.34
C ILE A 383 -14.32 17.58 -29.21
N GLN A 384 -14.71 16.68 -30.12
CA GLN A 384 -15.65 16.99 -31.17
C GLN A 384 -16.93 16.18 -31.05
N ALA A 385 -16.96 15.33 -30.04
CA ALA A 385 -18.11 14.53 -29.67
C ALA A 385 -18.02 14.39 -28.17
N TRP A 386 -19.06 13.88 -27.54
CA TRP A 386 -19.09 13.75 -26.08
C TRP A 386 -20.48 13.32 -25.71
N PRO A 387 -20.63 12.38 -24.79
CA PRO A 387 -21.95 11.86 -24.44
C PRO A 387 -22.89 13.02 -24.12
N GLU A 388 -24.07 13.03 -24.74
CA GLU A 388 -25.00 14.13 -24.52
C GLU A 388 -25.55 14.13 -23.09
N ASN A 389 -25.83 12.94 -22.56
CA ASN A 389 -26.10 12.71 -21.14
C ASN A 389 -25.13 13.43 -20.15
N ARG A 390 -23.96 13.83 -20.64
CA ARG A 390 -22.91 14.39 -19.77
C ARG A 390 -22.81 15.92 -19.88
N THR A 391 -23.07 16.60 -18.78
CA THR A 391 -23.29 18.04 -18.80
C THR A 391 -21.97 18.84 -18.69
N ASP A 392 -20.85 18.11 -18.74
CA ASP A 392 -19.53 18.56 -18.26
C ASP A 392 -18.38 17.92 -19.00
N LEU A 393 -17.27 18.62 -19.12
CA LEU A 393 -16.02 17.97 -19.53
C LEU A 393 -15.28 17.40 -18.31
N HIS A 394 -16.04 16.69 -17.47
CA HIS A 394 -15.54 16.32 -16.14
C HIS A 394 -14.45 15.27 -16.12
N ALA A 395 -14.33 14.45 -17.16
CA ALA A 395 -13.22 13.51 -17.21
C ALA A 395 -11.88 14.25 -17.18
N PHE A 396 -11.89 15.53 -17.56
CA PHE A 396 -10.69 16.37 -17.54
C PHE A 396 -10.65 17.35 -16.36
N GLU A 397 -11.43 17.04 -15.33
CA GLU A 397 -11.52 17.80 -14.07
C GLU A 397 -10.20 18.22 -13.48
N ASN A 398 -9.18 17.38 -13.66
CA ASN A 398 -7.88 17.47 -13.03
C ASN A 398 -6.79 17.78 -14.02
N LEU A 399 -7.17 18.23 -15.21
CA LEU A 399 -6.21 18.60 -16.25
C LEU A 399 -5.62 19.94 -15.87
N GLU A 400 -4.30 19.96 -15.68
CA GLU A 400 -3.63 21.16 -15.19
C GLU A 400 -3.03 21.98 -16.35
N ILE A 401 -2.42 21.28 -17.31
CA ILE A 401 -1.66 21.93 -18.38
C ILE A 401 -1.95 21.33 -19.79
N ILE A 402 -2.11 22.20 -20.78
CA ILE A 402 -2.01 21.76 -22.17
C ILE A 402 -0.87 22.56 -22.74
N ARG A 403 0.03 21.91 -23.45
CA ARG A 403 1.24 22.56 -23.92
C ARG A 403 1.21 23.01 -25.38
N GLY A 404 0.43 22.30 -26.20
CA GLY A 404 0.23 22.68 -27.59
C GLY A 404 1.47 22.55 -28.46
N ARG A 405 2.48 21.87 -27.93
CA ARG A 405 3.71 21.61 -28.65
C ARG A 405 3.40 21.13 -30.07
N THR A 406 2.28 20.42 -30.21
CA THR A 406 1.60 20.25 -31.50
C THR A 406 0.13 20.67 -31.38
N LYS A 407 -0.40 21.27 -32.45
CA LYS A 407 -1.73 21.88 -32.46
C LYS A 407 -2.54 21.45 -33.68
N GLN A 408 -3.86 21.32 -33.51
CA GLN A 408 -4.75 20.81 -34.57
C GLN A 408 -4.75 21.73 -35.76
N HIS A 409 -4.58 21.16 -36.94
CA HIS A 409 -4.38 21.91 -38.19
C HIS A 409 -3.27 22.98 -38.03
N GLY A 410 -2.53 22.88 -36.92
CA GLY A 410 -1.40 23.73 -36.64
C GLY A 410 -1.82 25.11 -36.17
N GLN A 411 -2.92 25.15 -35.41
CA GLN A 411 -3.41 26.40 -34.84
C GLN A 411 -4.00 26.18 -33.46
N PHE A 412 -4.57 24.98 -33.22
CA PHE A 412 -5.35 24.78 -32.00
C PHE A 412 -4.81 23.76 -30.99
N SER A 413 -4.55 24.24 -29.77
CA SER A 413 -4.18 23.39 -28.63
C SER A 413 -5.38 22.83 -27.84
N LEU A 414 -6.41 23.65 -27.65
CA LEU A 414 -7.69 23.19 -27.12
C LEU A 414 -8.83 23.50 -28.10
N ALA A 415 -9.70 22.53 -28.38
CA ALA A 415 -10.88 22.77 -29.21
C ALA A 415 -12.10 21.98 -28.74
N VAL A 416 -13.16 22.71 -28.42
CA VAL A 416 -14.39 22.14 -27.87
C VAL A 416 -15.54 22.58 -28.79
N VAL A 417 -16.07 21.62 -29.55
CA VAL A 417 -16.82 21.94 -30.78
C VAL A 417 -18.03 21.05 -30.98
N SER A 418 -19.16 21.69 -31.27
CA SER A 418 -20.41 20.99 -31.64
C SER A 418 -20.93 20.09 -30.51
N LEU A 419 -20.95 20.64 -29.30
CA LEU A 419 -21.30 19.90 -28.09
C LEU A 419 -22.57 20.34 -27.30
N ASN A 420 -23.07 19.36 -26.55
CA ASN A 420 -24.28 19.54 -25.76
C ASN A 420 -24.06 20.11 -24.35
N ILE A 421 -22.81 20.15 -23.89
CA ILE A 421 -22.48 20.53 -22.51
C ILE A 421 -23.05 21.88 -22.02
N THR A 422 -23.21 22.01 -20.70
CA THR A 422 -23.69 23.25 -20.09
C THR A 422 -22.52 24.15 -19.74
N SER A 423 -21.39 23.50 -19.42
CA SER A 423 -20.22 24.15 -18.79
C SER A 423 -18.94 23.44 -19.18
N LEU A 424 -17.88 24.21 -19.32
CA LEU A 424 -16.57 23.64 -19.53
C LEU A 424 -16.11 23.14 -18.15
N GLY A 425 -15.89 21.84 -17.96
CA GLY A 425 -15.59 21.40 -16.59
C GLY A 425 -14.16 21.60 -16.05
N LEU A 426 -13.36 22.46 -16.68
CA LEU A 426 -11.91 22.37 -16.59
C LEU A 426 -11.36 23.12 -15.38
N ARG A 427 -11.80 22.73 -14.19
CA ARG A 427 -11.51 23.56 -13.02
C ARG A 427 -10.02 23.62 -12.63
N SER A 428 -9.28 22.59 -12.98
CA SER A 428 -7.83 22.57 -12.81
C SER A 428 -6.99 23.16 -13.96
N LEU A 429 -7.58 23.74 -15.01
CA LEU A 429 -6.75 24.29 -16.10
C LEU A 429 -6.06 25.60 -15.77
N LYS A 430 -4.75 25.66 -15.97
CA LYS A 430 -3.96 26.82 -15.54
C LYS A 430 -2.92 27.27 -16.56
N GLU A 431 -2.65 26.43 -17.56
CA GLU A 431 -1.70 26.74 -18.64
C GLU A 431 -2.14 26.14 -19.98
N ILE A 432 -2.24 26.99 -20.99
CA ILE A 432 -2.34 26.56 -22.37
C ILE A 432 -1.28 27.40 -23.04
N SER A 433 -0.06 26.91 -23.18
CA SER A 433 1.07 27.78 -23.56
C SER A 433 1.10 28.32 -25.01
N ASP A 434 1.03 27.43 -26.00
CA ASP A 434 1.43 27.79 -27.37
C ASP A 434 0.40 27.54 -28.49
N GLY A 435 -0.84 27.21 -28.13
CA GLY A 435 -1.83 27.05 -29.18
C GLY A 435 -3.03 27.95 -29.00
N ASP A 436 -3.80 28.15 -30.08
CA ASP A 436 -5.04 28.90 -29.96
C ASP A 436 -6.15 28.01 -29.41
N VAL A 437 -7.16 28.65 -28.83
CA VAL A 437 -8.31 27.95 -28.26
C VAL A 437 -9.54 28.10 -29.18
N ILE A 438 -10.33 27.05 -29.31
CA ILE A 438 -11.58 27.08 -30.08
C ILE A 438 -12.73 26.42 -29.32
N ILE A 439 -13.70 27.24 -28.94
CA ILE A 439 -14.89 26.78 -28.28
C ILE A 439 -16.04 27.21 -29.19
N SER A 440 -16.69 26.25 -29.85
CA SER A 440 -17.64 26.58 -30.92
C SER A 440 -18.83 25.64 -31.07
N GLY A 441 -19.98 26.24 -31.41
CA GLY A 441 -21.19 25.48 -31.69
C GLY A 441 -21.85 24.85 -30.47
N ASN A 442 -21.27 25.16 -29.28
CA ASN A 442 -21.83 24.64 -28.03
C ASN A 442 -23.02 25.49 -27.59
N LYS A 443 -24.17 25.22 -28.20
CA LYS A 443 -25.41 25.98 -27.99
C LYS A 443 -25.97 25.94 -26.57
N ASN A 444 -25.21 25.38 -25.63
CA ASN A 444 -25.67 25.34 -24.27
C ASN A 444 -24.59 25.78 -23.32
N LEU A 445 -23.39 25.97 -23.87
CA LEU A 445 -22.19 26.28 -23.10
C LEU A 445 -22.20 27.74 -22.66
N CYS A 446 -22.14 27.95 -21.35
CA CYS A 446 -22.59 29.22 -20.82
C CYS A 446 -21.54 30.08 -20.17
N TYR A 447 -20.46 29.45 -19.71
CA TYR A 447 -19.54 30.15 -18.83
C TYR A 447 -18.22 30.54 -19.51
N ALA A 448 -17.91 29.91 -20.65
CA ALA A 448 -16.64 30.13 -21.36
C ALA A 448 -16.18 31.59 -21.48
N ASN A 449 -17.11 32.54 -21.45
CA ASN A 449 -16.69 33.95 -21.49
C ASN A 449 -16.00 34.41 -20.18
N THR A 450 -16.55 33.99 -19.04
CA THR A 450 -16.18 34.55 -17.74
C THR A 450 -14.69 34.46 -17.47
N ILE A 451 -14.05 33.46 -18.07
CA ILE A 451 -12.65 33.19 -17.83
C ILE A 451 -11.76 34.10 -18.64
N ASN A 452 -10.66 34.55 -18.06
CA ASN A 452 -9.67 35.32 -18.81
C ASN A 452 -8.53 34.45 -19.37
N TRP A 453 -8.87 33.71 -20.41
CA TRP A 453 -7.93 32.95 -21.24
C TRP A 453 -6.54 33.56 -21.38
N LYS A 454 -6.46 34.89 -21.37
CA LYS A 454 -5.17 35.56 -21.48
C LYS A 454 -4.24 35.28 -20.29
N LYS A 455 -4.81 34.96 -19.13
CA LYS A 455 -4.01 34.61 -17.96
C LYS A 455 -3.39 33.22 -18.12
N LEU A 456 -3.95 32.43 -19.04
CA LEU A 456 -3.54 31.04 -19.24
C LEU A 456 -2.48 30.85 -20.32
N PHE A 457 -2.27 31.86 -21.16
CA PHE A 457 -1.34 31.75 -22.27
C PHE A 457 0.12 31.95 -21.88
N GLY A 458 1.00 31.25 -22.59
CA GLY A 458 2.44 31.33 -22.35
C GLY A 458 3.22 31.82 -23.56
N THR A 459 2.56 31.92 -24.69
CA THR A 459 3.16 32.52 -25.88
C THR A 459 2.36 33.74 -26.29
N SER A 460 3.05 34.86 -26.48
CA SER A 460 2.40 36.16 -26.61
C SER A 460 1.91 36.47 -28.03
N GLY A 461 1.07 35.58 -28.56
CA GLY A 461 0.47 35.75 -29.88
C GLY A 461 -0.76 34.90 -30.09
N GLN A 462 -1.12 34.11 -29.07
CA GLN A 462 -2.28 33.21 -29.13
C GLN A 462 -3.59 33.90 -28.80
N LYS A 463 -4.64 33.58 -29.55
CA LYS A 463 -5.95 34.21 -29.40
C LYS A 463 -7.06 33.19 -29.08
N THR A 464 -8.27 33.68 -28.85
CA THR A 464 -9.43 32.82 -28.59
C THR A 464 -10.55 33.00 -29.61
N LYS A 465 -11.53 32.11 -29.55
CA LYS A 465 -12.68 32.14 -30.45
C LYS A 465 -13.93 31.57 -29.76
N ILE A 466 -14.34 32.20 -28.66
CA ILE A 466 -15.59 31.84 -28.00
C ILE A 466 -16.69 32.47 -28.86
N ILE A 467 -17.02 31.74 -29.90
CA ILE A 467 -17.91 32.20 -30.93
C ILE A 467 -18.90 31.09 -31.18
N SER A 468 -20.16 31.49 -31.41
CA SER A 468 -21.23 30.56 -31.79
C SER A 468 -21.63 29.59 -30.67
N ASN A 469 -21.40 30.01 -29.42
CA ASN A 469 -22.05 29.35 -28.29
C ASN A 469 -23.40 30.07 -28.01
N ARG A 470 -23.85 30.11 -26.71
CA ARG A 470 -25.03 30.94 -26.33
C ARG A 470 -24.65 32.43 -26.25
N GLY A 471 -25.68 33.34 -26.27
CA GLY A 471 -25.41 34.76 -26.04
C GLY A 471 -25.26 35.07 -24.56
N GLU A 472 -24.50 36.12 -24.24
CA GLU A 472 -24.32 36.62 -22.87
C GLU A 472 -25.67 36.88 -22.20
N ASN A 473 -26.60 37.41 -22.99
CA ASN A 473 -27.98 37.69 -22.60
C ASN A 473 -28.77 36.46 -22.13
N SER A 474 -28.54 35.35 -22.87
CA SER A 474 -29.28 34.09 -22.67
C SER A 474 -29.05 33.46 -21.30
N CYS A 475 -27.81 33.12 -21.02
CA CYS A 475 -27.42 32.60 -19.70
C CYS A 475 -27.83 33.55 -18.59
N LYS A 476 -27.44 34.82 -18.71
CA LYS A 476 -27.78 35.81 -17.70
C LYS A 476 -29.25 35.70 -17.30
N ALA A 477 -30.11 35.57 -18.32
CA ALA A 477 -31.56 35.47 -18.18
C ALA A 477 -32.01 34.11 -17.62
N THR A 478 -31.38 33.05 -18.12
CA THR A 478 -31.55 31.70 -17.57
C THR A 478 -31.00 31.62 -16.14
N GLY A 479 -30.40 32.71 -15.68
CA GLY A 479 -29.76 32.74 -14.38
C GLY A 479 -28.63 31.74 -14.37
N GLN A 480 -27.67 31.95 -15.28
CA GLN A 480 -26.53 31.07 -15.43
C GLN A 480 -25.25 31.90 -15.46
N VAL A 481 -25.00 32.55 -14.33
CA VAL A 481 -23.83 33.42 -14.18
C VAL A 481 -22.77 32.77 -13.28
N CYS A 482 -21.75 33.53 -12.90
CA CYS A 482 -20.81 33.04 -11.93
C CYS A 482 -21.55 32.89 -10.62
N HIS A 483 -20.99 32.08 -9.71
CA HIS A 483 -21.53 32.02 -8.37
C HIS A 483 -21.27 33.35 -7.70
N ALA A 484 -22.19 33.73 -6.82
CA ALA A 484 -22.06 34.98 -6.09
C ALA A 484 -20.81 34.98 -5.23
N LEU A 485 -20.22 33.80 -5.01
CA LEU A 485 -18.99 33.71 -4.22
C LEU A 485 -17.70 33.62 -5.04
N CYS A 486 -17.79 33.86 -6.34
CA CYS A 486 -16.58 33.90 -7.16
C CYS A 486 -16.09 35.33 -7.28
N SER A 487 -14.91 35.48 -7.86
CA SER A 487 -14.31 36.77 -8.14
C SER A 487 -14.55 37.07 -9.62
N PRO A 488 -14.34 38.33 -10.04
CA PRO A 488 -14.35 38.65 -11.47
C PRO A 488 -13.64 37.61 -12.34
N GLU A 489 -12.64 36.93 -11.80
CA GLU A 489 -11.81 35.99 -12.55
C GLU A 489 -12.52 34.88 -13.34
N GLY A 490 -13.70 34.45 -12.89
CA GLY A 490 -14.45 33.48 -13.68
C GLY A 490 -15.01 32.21 -13.06
N CYS A 491 -15.44 31.31 -13.95
CA CYS A 491 -16.28 30.15 -13.66
C CYS A 491 -15.83 29.05 -14.59
N TRP A 492 -15.77 27.81 -14.14
CA TRP A 492 -15.80 26.71 -15.10
C TRP A 492 -17.17 26.07 -15.08
N GLY A 493 -18.12 26.73 -14.41
CA GLY A 493 -19.49 26.26 -14.28
C GLY A 493 -20.21 27.02 -13.17
N PRO A 494 -21.33 26.46 -12.72
CA PRO A 494 -22.14 27.10 -11.66
C PRO A 494 -21.65 26.91 -10.21
N GLU A 495 -21.07 25.76 -9.85
CA GLU A 495 -20.84 25.42 -8.44
C GLU A 495 -19.78 26.28 -7.75
N PRO A 496 -19.67 26.24 -6.43
CA PRO A 496 -18.66 27.04 -5.75
C PRO A 496 -17.28 26.39 -5.97
N ARG A 497 -17.25 25.07 -6.14
CA ARG A 497 -16.03 24.35 -6.47
C ARG A 497 -15.40 24.83 -7.78
N ASP A 498 -16.12 25.68 -8.54
CA ASP A 498 -15.83 25.94 -9.96
C ASP A 498 -15.28 27.34 -10.32
N CYS A 499 -14.92 28.11 -9.30
CA CYS A 499 -14.32 29.43 -9.51
C CYS A 499 -12.83 29.33 -9.80
N VAL A 500 -12.30 30.29 -10.55
CA VAL A 500 -10.86 30.38 -10.78
C VAL A 500 -10.17 30.81 -9.48
N SER A 501 -10.78 31.77 -8.78
CA SER A 501 -10.31 32.28 -7.49
C SER A 501 -11.50 32.87 -6.68
N CYS A 502 -11.32 33.00 -5.38
CA CYS A 502 -12.48 33.28 -4.51
C CYS A 502 -12.68 34.74 -4.21
N ARG A 503 -13.94 35.15 -4.10
CA ARG A 503 -14.26 36.53 -3.68
C ARG A 503 -13.88 36.71 -2.22
N ASN A 504 -14.28 35.77 -1.39
CA ASN A 504 -13.99 35.85 0.03
C ASN A 504 -12.89 34.88 0.50
N VAL A 505 -13.28 33.64 0.79
CA VAL A 505 -12.36 32.68 1.36
C VAL A 505 -12.51 31.30 0.71
N SER A 506 -11.37 30.64 0.53
CA SER A 506 -11.35 29.26 0.06
C SER A 506 -11.34 28.32 1.27
N ARG A 507 -12.09 27.22 1.20
CA ARG A 507 -11.88 26.12 2.16
C ARG A 507 -11.40 24.91 1.39
N GLY A 508 -10.09 24.73 1.30
CA GLY A 508 -9.54 23.56 0.64
C GLY A 508 -9.66 23.56 -0.87
N ARG A 509 -10.87 23.79 -1.39
CA ARG A 509 -11.16 23.61 -2.81
C ARG A 509 -12.42 24.40 -3.25
N GLU A 510 -13.28 24.73 -2.29
CA GLU A 510 -14.56 25.38 -2.53
C GLU A 510 -14.48 26.85 -2.17
N CYS A 511 -15.29 27.69 -2.79
CA CYS A 511 -15.43 29.04 -2.27
C CYS A 511 -16.55 29.12 -1.28
N VAL A 512 -16.37 30.00 -0.30
CA VAL A 512 -17.05 29.94 0.98
C VAL A 512 -17.19 31.39 1.42
N ASP A 513 -18.08 31.65 2.37
CA ASP A 513 -18.25 32.98 2.95
C ASP A 513 -17.35 33.18 4.18
N LYS A 514 -17.66 32.46 5.26
CA LYS A 514 -17.05 32.63 6.56
C LYS A 514 -16.00 31.54 6.65
N CYS A 515 -14.90 31.76 7.36
CA CYS A 515 -14.13 30.62 7.87
C CYS A 515 -14.78 30.26 9.20
N LYS A 516 -14.46 29.11 9.78
CA LYS A 516 -15.22 28.66 10.93
C LYS A 516 -14.63 29.20 12.21
N LEU A 517 -14.46 30.52 12.26
CA LEU A 517 -13.77 31.17 13.35
C LEU A 517 -14.48 31.03 14.72
N LEU A 518 -15.77 31.36 14.76
CA LEU A 518 -16.52 31.31 16.01
C LEU A 518 -17.61 30.23 16.10
N GLU A 519 -17.86 29.48 15.01
CA GLU A 519 -19.01 28.57 14.97
C GLU A 519 -18.91 27.32 14.06
N GLY A 520 -17.83 27.17 13.33
CA GLY A 520 -17.72 26.00 12.46
C GLY A 520 -17.61 24.55 12.96
N GLU A 521 -17.65 23.61 12.00
CA GLU A 521 -17.62 22.16 12.21
C GLU A 521 -16.44 21.75 13.07
N PRO A 522 -15.24 21.53 12.49
CA PRO A 522 -14.00 21.79 13.21
C PRO A 522 -13.73 23.29 13.14
N ARG A 523 -12.92 23.81 14.04
CA ARG A 523 -12.71 25.25 14.07
C ARG A 523 -11.56 25.62 13.15
N GLU A 524 -11.50 26.90 12.76
CA GLU A 524 -10.55 27.26 11.74
C GLU A 524 -9.80 28.51 12.09
N PHE A 525 -8.63 28.72 11.51
CA PHE A 525 -8.19 30.07 11.28
C PHE A 525 -8.13 30.44 9.77
N VAL A 526 -7.85 31.71 9.46
CA VAL A 526 -7.61 32.17 8.09
C VAL A 526 -6.15 32.57 7.86
N GLU A 527 -5.59 32.15 6.74
CA GLU A 527 -4.23 32.58 6.39
C GLU A 527 -4.20 32.61 4.86
N ASN A 528 -3.96 33.80 4.30
CA ASN A 528 -3.96 34.00 2.87
C ASN A 528 -5.36 33.64 2.32
N SER A 529 -6.36 34.25 2.97
CA SER A 529 -7.79 34.06 2.64
C SER A 529 -8.18 32.61 2.31
N GLU A 530 -7.59 31.70 3.08
CA GLU A 530 -7.88 30.26 3.06
C GLU A 530 -8.41 29.89 4.44
N CYS A 531 -9.20 28.83 4.54
CA CYS A 531 -9.68 28.30 5.83
C CYS A 531 -8.92 27.04 6.16
N ILE A 532 -8.04 27.12 7.15
CA ILE A 532 -7.25 25.99 7.57
C ILE A 532 -7.74 25.52 8.93
N GLN A 533 -7.89 24.21 9.06
CA GLN A 533 -8.42 23.54 10.25
C GLN A 533 -7.55 23.80 11.47
N CYS A 534 -8.16 23.86 12.64
CA CYS A 534 -7.39 23.86 13.86
C CYS A 534 -6.93 22.44 14.10
N HIS A 535 -5.82 22.31 14.81
CA HIS A 535 -5.31 21.01 15.22
C HIS A 535 -6.25 20.40 16.23
N PRO A 536 -6.48 19.11 16.12
CA PRO A 536 -7.40 18.37 16.99
C PRO A 536 -7.16 18.43 18.50
N GLU A 537 -6.21 19.19 18.99
CA GLU A 537 -5.98 19.18 20.42
C GLU A 537 -6.37 20.52 21.00
N CYS A 538 -6.57 21.51 20.14
CA CYS A 538 -7.29 22.73 20.53
C CYS A 538 -8.73 22.48 20.96
N LEU A 539 -9.04 22.81 22.20
CA LEU A 539 -10.38 22.73 22.68
C LEU A 539 -11.19 23.89 22.07
N PRO A 540 -12.23 23.61 21.28
CA PRO A 540 -13.08 24.68 20.72
C PRO A 540 -13.50 25.73 21.73
N GLN A 541 -13.31 27.01 21.43
CA GLN A 541 -13.77 28.09 22.31
C GLN A 541 -15.13 28.74 21.90
N ALA A 542 -16.15 28.60 22.73
CA ALA A 542 -17.44 29.26 22.46
C ALA A 542 -17.29 30.76 22.18
N MET A 543 -17.67 31.18 20.98
CA MET A 543 -17.81 32.60 20.65
C MET A 543 -16.52 33.36 20.71
N ASN A 544 -15.42 32.62 20.69
CA ASN A 544 -14.09 33.20 20.66
C ASN A 544 -13.28 32.30 19.76
N ILE A 545 -12.11 32.79 19.38
CA ILE A 545 -11.20 32.12 18.49
C ILE A 545 -10.65 30.85 19.15
N THR A 546 -10.51 29.78 18.39
CA THR A 546 -10.13 28.47 18.95
C THR A 546 -8.62 28.15 18.87
N CYS A 547 -7.95 28.75 17.91
CA CYS A 547 -6.55 28.52 17.70
C CYS A 547 -5.97 29.67 16.90
N THR A 548 -4.67 29.76 16.80
CA THR A 548 -4.05 30.97 16.26
C THR A 548 -3.03 30.63 15.21
N GLY A 549 -3.14 29.45 14.63
CA GLY A 549 -2.24 28.98 13.59
C GLY A 549 -2.37 27.49 13.48
N ARG A 550 -1.50 26.94 12.63
CA ARG A 550 -1.26 25.51 12.46
C ARG A 550 -0.61 24.90 13.71
N GLY A 551 -0.78 23.59 13.84
CA GLY A 551 -0.12 22.80 14.87
C GLY A 551 -0.57 22.97 16.33
N PRO A 552 0.07 22.19 17.22
CA PRO A 552 -0.36 22.08 18.60
C PRO A 552 0.09 23.20 19.57
N ASP A 553 0.85 24.19 19.12
CA ASP A 553 1.24 25.25 20.04
C ASP A 553 0.56 26.52 19.60
N ASN A 554 -0.65 26.32 19.14
CA ASN A 554 -1.44 27.38 18.57
C ASN A 554 -2.91 27.31 19.01
N CYS A 555 -3.16 26.40 19.96
CA CYS A 555 -4.43 26.29 20.63
C CYS A 555 -4.53 27.38 21.69
N ILE A 556 -5.72 27.88 21.89
CA ILE A 556 -5.98 28.79 22.98
C ILE A 556 -6.05 27.99 24.28
N GLN A 557 -6.40 26.72 24.16
CA GLN A 557 -6.62 25.83 25.30
C GLN A 557 -6.53 24.39 24.83
N CYS A 558 -5.84 23.55 25.57
CA CYS A 558 -5.66 22.17 25.16
C CYS A 558 -6.86 21.34 25.52
N ALA A 559 -7.22 20.40 24.64
CA ALA A 559 -8.32 19.52 24.88
C ALA A 559 -7.98 18.51 25.97
N HIS A 560 -6.70 18.12 26.04
CA HIS A 560 -6.28 17.04 26.92
C HIS A 560 -5.23 17.47 27.90
N TYR A 561 -3.96 17.43 27.48
CA TYR A 561 -2.85 17.65 28.40
C TYR A 561 -1.88 18.67 27.87
N ILE A 562 -1.15 19.33 28.77
CA ILE A 562 -0.10 20.28 28.37
C ILE A 562 1.33 19.71 28.64
N ASP A 563 2.18 19.75 27.63
CA ASP A 563 3.58 19.27 27.76
C ASP A 563 4.56 20.27 27.11
N GLY A 564 5.25 21.07 27.94
CA GLY A 564 5.86 22.29 27.45
C GLY A 564 4.81 23.14 26.73
N PRO A 565 5.07 23.50 25.50
CA PRO A 565 4.15 24.35 24.73
C PRO A 565 3.21 23.54 23.87
N HIS A 566 3.15 22.23 24.07
CA HIS A 566 2.35 21.42 23.21
C HIS A 566 1.00 21.08 23.85
N CYS A 567 -0.04 20.93 23.05
CA CYS A 567 -1.17 20.26 23.58
C CYS A 567 -1.06 18.83 23.12
N VAL A 568 -1.22 17.89 24.05
CA VAL A 568 -1.08 16.49 23.69
C VAL A 568 -2.24 15.65 24.16
N LYS A 569 -2.49 14.56 23.46
CA LYS A 569 -3.56 13.63 23.79
C LYS A 569 -3.30 12.93 25.12
N THR A 570 -2.05 12.58 25.38
CA THR A 570 -1.69 11.83 26.58
C THR A 570 -0.37 12.36 26.94
N CYS A 571 -0.02 12.34 28.23
CA CYS A 571 1.35 12.66 28.70
C CYS A 571 2.30 11.61 28.21
N PRO A 572 3.54 11.99 27.90
CA PRO A 572 4.60 11.05 27.49
C PRO A 572 4.78 9.87 28.46
N ALA A 573 4.60 8.67 27.93
CA ALA A 573 4.59 7.48 28.77
C ALA A 573 5.55 6.39 28.26
N GLY A 574 6.79 6.40 28.74
CA GLY A 574 7.78 5.42 28.33
C GLY A 574 8.38 5.65 26.97
N VAL A 575 8.71 6.89 26.67
CA VAL A 575 9.30 7.26 25.39
C VAL A 575 10.82 7.21 25.50
N MET A 576 11.53 7.03 24.39
CA MET A 576 12.99 7.06 24.44
C MET A 576 13.60 8.47 24.66
N GLY A 577 14.63 8.58 25.49
CA GLY A 577 15.21 9.87 25.89
C GLY A 577 16.70 10.10 25.64
N GLU A 578 17.20 11.27 26.10
CA GLU A 578 18.58 11.72 25.84
C GLU A 578 19.46 10.98 26.83
N ASN A 579 20.08 9.94 26.30
CA ASN A 579 20.17 8.63 26.95
C ASN A 579 19.84 8.29 28.45
N ASN A 580 20.37 7.13 28.84
CA ASN A 580 20.06 6.28 30.02
C ASN A 580 18.62 5.79 30.33
N THR A 581 17.57 6.40 29.78
CA THR A 581 16.20 5.98 30.14
C THR A 581 15.07 6.44 29.21
N LEU A 582 13.88 5.92 29.52
CA LEU A 582 12.63 6.35 28.92
C LEU A 582 12.04 7.45 29.76
N VAL A 583 11.55 8.48 29.07
CA VAL A 583 10.85 9.61 29.67
C VAL A 583 9.46 9.21 30.15
N TRP A 584 9.12 9.58 31.38
CA TRP A 584 7.83 9.30 31.99
C TRP A 584 7.38 10.52 32.73
N LYS A 585 6.16 10.98 32.42
CA LYS A 585 5.55 12.12 33.10
C LYS A 585 4.23 11.68 33.64
N TYR A 586 3.72 12.41 34.63
CA TYR A 586 2.35 12.25 35.13
C TYR A 586 1.66 13.55 34.76
N ALA A 587 0.34 13.59 34.92
CA ALA A 587 -0.38 14.86 34.70
C ALA A 587 -0.77 15.46 36.04
N ASP A 588 -0.48 16.75 36.22
CA ASP A 588 -0.95 17.49 37.42
C ASP A 588 -2.41 17.98 37.23
N ALA A 589 -3.12 18.24 38.32
CA ALA A 589 -4.53 18.64 38.20
C ALA A 589 -4.82 19.76 37.18
N GLY A 590 -3.79 20.54 36.82
CA GLY A 590 -3.90 21.55 35.79
C GLY A 590 -3.78 20.98 34.38
N HIS A 591 -3.52 19.66 34.33
CA HIS A 591 -3.24 18.86 33.12
C HIS A 591 -1.86 19.08 32.53
N VAL A 592 -1.02 19.74 33.31
CA VAL A 592 0.36 19.93 32.90
C VAL A 592 1.15 18.66 33.14
N CYS A 593 1.95 18.29 32.14
CA CYS A 593 2.80 17.12 32.29
C CYS A 593 4.08 17.52 33.03
N HIS A 594 4.48 16.66 33.97
CA HIS A 594 5.74 16.83 34.68
C HIS A 594 6.49 15.47 34.81
N LEU A 595 7.80 15.51 34.59
CA LEU A 595 8.68 14.35 34.64
C LEU A 595 8.54 13.59 35.95
N CYS A 596 8.35 12.29 35.88
CA CYS A 596 8.35 11.50 37.10
C CYS A 596 9.71 11.53 37.81
N HIS A 597 9.71 11.15 39.08
CA HIS A 597 10.94 10.99 39.82
C HIS A 597 11.86 10.02 39.05
N PRO A 598 13.14 10.38 38.87
CA PRO A 598 14.11 9.55 38.13
C PRO A 598 14.26 8.09 38.58
N ASN A 599 14.05 7.81 39.87
CA ASN A 599 14.15 6.45 40.40
C ASN A 599 12.93 5.57 40.13
N CYS A 600 12.11 5.95 39.17
CA CYS A 600 10.90 5.18 38.87
C CYS A 600 11.20 4.05 37.88
N THR A 601 11.05 4.34 36.58
CA THR A 601 11.42 3.39 35.50
C THR A 601 10.21 2.56 35.05
N TYR A 602 9.28 2.37 35.98
CA TYR A 602 8.07 1.62 35.74
C TYR A 602 6.99 2.59 35.27
N GLY A 603 7.18 3.86 35.60
CA GLY A 603 6.20 4.90 35.37
C GLY A 603 5.74 5.44 36.72
N CYS A 604 4.93 6.49 36.72
CA CYS A 604 4.35 6.99 37.97
C CYS A 604 2.93 7.51 37.78
N THR A 605 2.31 7.86 38.90
CA THR A 605 0.92 8.34 38.97
C THR A 605 0.81 9.71 39.65
N GLY A 606 1.94 10.25 40.08
CA GLY A 606 2.00 11.52 40.78
C GLY A 606 3.45 11.97 40.93
N PRO A 607 3.70 13.01 41.74
CA PRO A 607 5.06 13.54 41.94
C PRO A 607 5.86 12.68 42.89
N GLY A 608 7.19 12.79 42.82
CA GLY A 608 8.08 12.21 43.81
C GLY A 608 7.99 10.71 43.91
N LEU A 609 8.61 10.16 44.96
CA LEU A 609 8.71 8.70 45.17
C LEU A 609 7.38 8.06 45.51
N GLU A 610 6.48 8.82 46.13
CA GLU A 610 5.13 8.35 46.45
C GLU A 610 4.30 8.07 45.17
N GLY A 611 4.79 8.58 44.04
CA GLY A 611 4.24 8.31 42.72
C GLY A 611 4.35 6.86 42.28
N CYS A 612 5.57 6.33 42.20
CA CYS A 612 5.74 4.90 41.94
C CYS A 612 5.92 4.07 43.23
N PRO A 613 4.94 3.20 43.52
CA PRO A 613 5.05 2.28 44.65
C PRO A 613 5.72 0.94 44.30
N THR A 614 6.76 0.59 45.07
CA THR A 614 7.44 -0.70 44.97
C THR A 614 7.40 -1.36 43.59
N ASP B 3 2.23 -7.59 -25.55
CA ASP B 3 2.06 -8.29 -24.24
C ASP B 3 0.58 -8.50 -23.86
N SER B 4 0.33 -9.42 -22.92
CA SER B 4 -1.04 -9.96 -22.71
C SER B 4 -1.74 -9.62 -21.37
N GLU B 5 -2.89 -8.94 -21.50
CA GLU B 5 -3.85 -8.62 -20.42
C GLU B 5 -4.16 -9.83 -19.52
N CYS B 6 -3.84 -9.76 -18.21
CA CYS B 6 -3.98 -10.92 -17.32
C CYS B 6 -4.72 -10.69 -16.00
N PRO B 7 -5.86 -11.36 -15.82
CA PRO B 7 -6.77 -11.12 -14.69
C PRO B 7 -6.32 -11.57 -13.32
N LEU B 8 -5.22 -11.02 -12.81
CA LEU B 8 -4.80 -11.31 -11.44
C LEU B 8 -5.49 -10.39 -10.43
N SER B 9 -5.19 -10.62 -9.16
CA SER B 9 -5.69 -9.81 -8.04
C SER B 9 -5.63 -8.31 -8.32
N HIS B 10 -4.52 -7.88 -8.93
CA HIS B 10 -4.32 -6.47 -9.29
C HIS B 10 -4.32 -6.24 -10.80
N ASP B 11 -5.03 -7.12 -11.52
CA ASP B 11 -5.45 -6.89 -12.90
C ASP B 11 -4.41 -6.17 -13.79
N GLY B 12 -3.18 -6.68 -13.76
CA GLY B 12 -2.12 -6.06 -14.53
C GLY B 12 -1.97 -6.69 -15.90
N TYR B 13 -0.72 -6.78 -16.34
CA TYR B 13 -0.34 -7.40 -17.60
C TYR B 13 0.92 -8.19 -17.31
N CYS B 14 1.08 -9.39 -17.86
CA CYS B 14 2.38 -10.03 -17.86
C CYS B 14 3.28 -9.27 -18.81
N LEU B 15 4.42 -8.80 -18.30
CA LEU B 15 5.36 -8.06 -19.13
C LEU B 15 6.57 -8.93 -19.47
N HIS B 16 7.58 -8.30 -20.07
CA HIS B 16 8.81 -8.94 -20.50
C HIS B 16 8.58 -10.26 -21.25
N ASP B 17 7.64 -10.25 -22.20
CA ASP B 17 7.43 -11.36 -23.13
C ASP B 17 6.65 -12.54 -22.56
N GLY B 18 6.25 -12.44 -21.29
CA GLY B 18 5.50 -13.49 -20.62
C GLY B 18 4.06 -13.66 -21.06
N VAL B 19 3.41 -14.73 -20.59
CA VAL B 19 2.05 -15.08 -21.01
C VAL B 19 1.12 -15.48 -19.87
N CYS B 20 -0.16 -15.22 -20.06
CA CYS B 20 -1.16 -15.44 -19.02
C CYS B 20 -1.51 -16.89 -19.03
N MET B 21 -1.68 -17.48 -17.87
CA MET B 21 -2.21 -18.84 -17.76
C MET B 21 -3.14 -18.97 -16.58
N TYR B 22 -3.92 -20.04 -16.65
CA TYR B 22 -4.99 -20.32 -15.71
C TYR B 22 -4.80 -21.66 -14.96
N ILE B 23 -4.76 -21.59 -13.64
CA ILE B 23 -4.75 -22.79 -12.85
C ILE B 23 -6.22 -23.21 -12.67
N GLU B 24 -6.59 -24.36 -13.21
CA GLU B 24 -7.99 -24.79 -13.15
C GLU B 24 -8.35 -25.29 -11.75
N ALA B 25 -7.40 -25.98 -11.12
CA ALA B 25 -7.53 -26.51 -9.75
C ALA B 25 -8.01 -25.46 -8.75
N LEU B 26 -7.16 -24.48 -8.50
CA LEU B 26 -7.57 -23.24 -7.87
C LEU B 26 -8.40 -22.65 -8.96
N ASP B 27 -8.94 -21.48 -8.79
CA ASP B 27 -9.62 -20.86 -9.96
C ASP B 27 -8.99 -19.47 -10.03
N LYS B 28 -7.78 -19.49 -10.55
CA LYS B 28 -6.86 -18.39 -10.37
C LYS B 28 -5.99 -18.32 -11.57
N TYR B 29 -5.63 -17.11 -11.92
CA TYR B 29 -4.79 -16.82 -13.05
C TYR B 29 -3.37 -16.56 -12.60
N ALA B 30 -2.41 -16.76 -13.49
CA ALA B 30 -1.03 -16.36 -13.18
C ALA B 30 -0.28 -16.19 -14.46
N CYS B 31 1.01 -15.85 -14.39
CA CYS B 31 1.79 -15.67 -15.62
C CYS B 31 2.74 -16.83 -15.92
N ASN B 32 3.08 -17.03 -17.18
CA ASN B 32 4.22 -17.87 -17.53
C ASN B 32 5.37 -16.99 -18.02
N CYS B 33 6.26 -16.59 -17.12
CA CYS B 33 7.41 -15.76 -17.47
C CYS B 33 8.43 -16.45 -18.37
N VAL B 34 8.98 -15.68 -19.30
CA VAL B 34 10.15 -16.13 -20.04
C VAL B 34 11.31 -16.31 -19.04
N VAL B 35 12.23 -17.22 -19.36
CA VAL B 35 13.40 -17.46 -18.53
C VAL B 35 14.16 -16.15 -18.25
N GLY B 36 14.54 -15.97 -16.98
CA GLY B 36 15.34 -14.82 -16.55
C GLY B 36 14.61 -13.60 -16.04
N TYR B 37 13.34 -13.76 -15.66
CA TYR B 37 12.53 -12.67 -15.15
C TYR B 37 11.70 -13.18 -13.97
N ILE B 38 11.49 -12.36 -12.95
CA ILE B 38 10.76 -12.80 -11.74
C ILE B 38 9.55 -11.94 -11.37
N GLY B 39 8.73 -12.45 -10.43
CA GLY B 39 7.53 -11.75 -9.97
C GLY B 39 6.25 -12.20 -10.66
N GLU B 40 5.12 -11.90 -10.03
CA GLU B 40 3.80 -12.36 -10.49
C GLU B 40 3.49 -11.93 -11.94
N ARG B 41 3.77 -10.67 -12.24
CA ARG B 41 3.57 -10.12 -13.59
C ARG B 41 4.88 -10.09 -14.43
N CYS B 42 5.89 -10.83 -13.96
CA CYS B 42 7.19 -10.94 -14.62
C CYS B 42 8.00 -9.66 -14.62
N GLN B 43 7.72 -8.78 -13.66
CA GLN B 43 8.08 -7.38 -13.77
C GLN B 43 9.53 -7.05 -13.42
N TYR B 44 10.30 -8.04 -13.04
CA TYR B 44 11.64 -7.78 -12.51
C TYR B 44 12.74 -8.66 -13.11
N ARG B 45 13.87 -8.05 -13.46
CA ARG B 45 15.07 -8.80 -13.85
C ARG B 45 15.57 -9.60 -12.66
N ASP B 46 15.97 -10.85 -12.90
CA ASP B 46 16.29 -11.82 -11.85
C ASP B 46 17.34 -11.41 -10.79
N LEU B 47 18.05 -10.32 -11.02
CA LEU B 47 19.08 -9.81 -10.09
C LEU B 47 20.40 -10.58 -10.18
N LYS B 48 20.39 -11.70 -10.91
CA LYS B 48 21.58 -12.54 -11.10
C LYS B 48 21.62 -13.05 -12.54
N TRP B 49 20.49 -13.58 -12.98
CA TRP B 49 20.27 -14.05 -14.34
C TRP B 49 20.11 -12.84 -15.28
N TRP B 50 21.15 -12.53 -16.04
CA TRP B 50 21.10 -11.39 -16.99
C TRP B 50 22.03 -11.64 -18.20
C1 NAG C . -9.63 2.87 -32.10
C2 NAG C . -9.37 3.01 -33.62
C3 NAG C . -8.75 1.75 -34.24
C4 NAG C . -7.56 1.24 -33.41
C5 NAG C . -7.94 1.17 -31.93
C6 NAG C . -6.70 0.94 -31.14
C7 NAG C . -11.05 4.57 -34.48
C8 NAG C . -12.39 4.79 -35.12
N2 NAG C . -10.57 3.33 -34.39
O3 NAG C . -8.25 2.05 -35.52
O4 NAG C . -7.18 -0.03 -33.88
O5 NAG C . -8.44 2.42 -31.49
O6 NAG C . -5.79 1.86 -31.70
O7 NAG C . -10.46 5.56 -34.06
C1 NAG C . -5.98 0.04 -34.70
C2 NAG C . -5.38 -1.35 -34.78
C3 NAG C . -4.15 -1.44 -35.67
C4 NAG C . -4.25 -0.65 -36.98
C5 NAG C . -5.09 0.63 -36.83
C6 NAG C . -5.53 1.21 -38.19
C7 NAG C . -5.93 -2.59 -32.83
C8 NAG C . -5.46 -3.26 -31.55
N2 NAG C . -5.04 -1.83 -33.46
O3 NAG C . -3.98 -2.82 -35.93
O4 NAG C . -2.91 -0.32 -37.31
O5 NAG C . -6.25 0.46 -36.02
O6 NAG C . -6.60 0.50 -38.78
O7 NAG C . -7.08 -2.75 -33.27
C1 BMA C . -2.51 -0.55 -38.68
C2 BMA C . -1.89 0.75 -39.23
C3 BMA C . -1.22 0.58 -40.60
C4 BMA C . -0.38 -0.69 -40.69
C5 BMA C . -1.24 -1.86 -40.18
C6 BMA C . -0.57 -3.21 -40.33
O2 BMA C . -0.99 1.27 -38.27
O3 BMA C . -0.41 1.69 -40.93
O4 BMA C . 0.05 -0.82 -42.03
O5 BMA C . -1.62 -1.64 -38.83
O6 BMA C . -1.19 -3.87 -41.41
C1 NAG D . -4.49 2.31 -11.54
C2 NAG D . -4.03 2.71 -10.12
C3 NAG D . -4.97 2.35 -8.97
C4 NAG D . -6.41 1.95 -9.35
C5 NAG D . -6.57 1.46 -10.80
C6 NAG D . -8.04 1.37 -11.22
C7 NAG D . -1.72 3.02 -9.45
C8 NAG D . -0.46 2.38 -8.91
N2 NAG D . -2.70 2.19 -9.81
O3 NAG D . -5.00 3.50 -8.15
O4 NAG D . -6.92 0.96 -8.47
O5 NAG D . -5.90 2.37 -11.67
O6 NAG D . -8.65 2.64 -11.14
O7 NAG D . -1.81 4.26 -9.57
C1 NAG D . -6.91 1.47 -7.12
C2 NAG D . -8.31 1.81 -6.58
C3 NAG D . -8.06 2.69 -5.33
C4 NAG D . -7.30 1.81 -4.29
C5 NAG D . -6.00 1.24 -4.91
C6 NAG D . -5.31 0.21 -4.01
C7 NAG D . -10.42 1.90 -7.78
C8 NAG D . -11.05 2.21 -9.11
N2 NAG D . -9.20 2.42 -7.55
O3 NAG D . -9.28 3.22 -4.85
O4 NAG D . -6.98 2.54 -3.10
O5 NAG D . -6.26 0.62 -6.17
O6 NAG D . -4.15 0.77 -3.42
O7 NAG D . -11.02 1.21 -6.95
C1 BMA D . -7.89 2.43 -1.97
C2 BMA D . -8.95 1.31 -2.01
C3 BMA D . -9.92 1.51 -0.83
C4 BMA D . -9.17 1.70 0.50
C5 BMA D . -8.04 2.74 0.37
C6 BMA D . -7.21 2.91 1.65
O2 BMA D . -8.38 0.02 -1.97
O3 BMA D . -10.84 0.43 -0.76
O4 BMA D . -10.08 2.07 1.53
O5 BMA D . -7.20 2.40 -0.72
O6 BMA D . -6.62 1.69 2.02
C1 NAG E . -13.49 36.04 24.56
C2 NAG E . -14.57 36.00 25.64
C3 NAG E . -14.63 37.32 26.40
C4 NAG E . -13.28 37.66 27.00
C5 NAG E . -12.09 37.53 26.04
C6 NAG E . -10.84 37.26 26.89
C7 NAG E . -16.60 34.74 25.67
C8 NAG E . -17.88 34.37 25.02
N2 NAG E . -15.90 35.74 25.16
O3 NAG E . -15.44 37.03 27.47
O4 NAG E . -13.38 38.94 27.64
O5 NAG E . -12.23 36.44 25.11
O6 NAG E . -9.66 37.89 26.45
O7 NAG E . -16.22 34.12 26.65
C1 NAG E . -13.03 38.89 29.05
C2 NAG E . -12.56 40.29 29.49
C3 NAG E . -12.34 40.40 31.00
C4 NAG E . -13.50 39.79 31.79
C5 NAG E . -13.98 38.43 31.25
C6 NAG E . -15.34 38.04 31.82
C7 NAG E . -11.29 41.69 27.96
C8 NAG E . -9.94 42.12 27.46
N2 NAG E . -11.32 40.68 28.83
O3 NAG E . -12.15 41.77 31.33
O4 NAG E . -13.07 39.67 33.14
O5 NAG E . -14.11 38.42 29.83
O6 NAG E . -15.25 36.90 32.65
O7 NAG E . -12.32 42.24 27.58
C1 NAG F . 24.44 -25.25 -2.63
C2 NAG F . 24.91 -24.94 -4.05
C3 NAG F . 26.35 -25.50 -4.19
C4 NAG F . 27.28 -25.03 -3.05
C5 NAG F . 26.60 -25.16 -1.67
C6 NAG F . 27.42 -24.58 -0.50
C7 NAG F . 23.60 -24.81 -6.10
C8 NAG F . 23.16 -25.64 -7.28
N2 NAG F . 23.97 -25.49 -5.02
O3 NAG F . 26.86 -25.15 -5.47
O4 NAG F . 28.51 -25.73 -3.06
O5 NAG F . 25.30 -24.56 -1.73
O6 NAG F . 27.04 -25.16 0.74
O7 NAG F . 23.61 -23.57 -6.18
C1 NAG G . -28.01 17.32 -24.33
C2 NAG G . -29.12 16.41 -23.76
C3 NAG G . -30.38 17.18 -23.34
C4 NAG G . -30.08 18.52 -22.67
C5 NAG G . -29.10 19.30 -23.53
C6 NAG G . -28.81 20.75 -23.07
C7 NAG G . -29.56 14.04 -24.37
C8 NAG G . -29.99 13.08 -25.46
N2 NAG G . -29.50 15.34 -24.70
O3 NAG G . -31.11 16.34 -22.47
O4 NAG G . -31.25 19.28 -22.48
O5 NAG G . -27.91 18.53 -23.59
O6 NAG G . -28.30 20.86 -21.75
O7 NAG G . -29.28 13.58 -23.25
C1 NAG H . -32.12 18.52 -19.53
C2 NAG H . -31.85 20.03 -19.44
C3 NAG H . -33.19 20.76 -19.33
C4 NAG H . -34.32 20.19 -20.22
C5 NAG H . -34.09 18.81 -20.86
C6 NAG H . -34.52 18.82 -22.33
C7 NAG H . -29.82 21.08 -18.45
C8 NAG H . -28.77 20.84 -17.42
N2 NAG H . -30.94 20.34 -18.34
O3 NAG H . -32.99 22.13 -19.63
O4 NAG H . -35.52 20.12 -19.47
O5 NAG H . -32.77 18.31 -20.77
O6 NAG H . -33.73 19.73 -23.08
O7 NAG H . -29.63 21.92 -19.34
C1 NAG I . -17.72 38.45 1.72
C2 NAG I . -17.12 38.91 3.06
C3 NAG I . -17.46 40.38 3.34
C4 NAG I . -17.05 41.31 2.19
C5 NAG I . -17.46 40.79 0.80
C6 NAG I . -16.56 41.49 -0.23
C7 NAG I . -18.72 38.09 4.78
C8 NAG I . -18.76 37.92 6.28
N2 NAG I . -17.52 38.06 4.19
O3 NAG I . -16.80 40.72 4.53
O4 NAG I . -17.62 42.59 2.33
O5 NAG I . -17.36 39.37 0.67
O6 NAG I . -17.14 41.55 -1.52
O7 NAG I . -19.78 38.24 4.15
C1 NAG J . 19.22 5.31 25.26
C2 NAG J . 18.17 4.36 25.84
C3 NAG J . 17.67 3.44 24.73
C4 NAG J . 17.51 4.17 23.40
C5 NAG J . 18.67 5.10 23.15
C6 NAG J . 18.54 5.86 21.87
C7 NAG J . 18.02 2.73 27.65
C8 NAG J . 18.67 1.43 28.08
N2 NAG J . 18.77 3.52 26.86
O3 NAG J . 16.46 2.91 25.21
O4 NAG J . 17.41 3.24 22.35
O5 NAG J . 18.68 6.02 24.19
O6 NAG J . 18.93 4.94 20.88
O7 NAG J . 16.85 3.02 27.98
#